data_7G7O
#
_entry.id   7G7O
#
_cell.length_a   83.911
_cell.length_b   91.222
_cell.length_c   118.633
_cell.angle_alpha   90.000
_cell.angle_beta   90.000
_cell.angle_gamma   90.000
#
_symmetry.space_group_name_H-M   'P 21 21 21'
#
loop_
_entity.id
_entity.type
_entity.pdbx_description
1 polymer 'Isoform 2 of Ectonucleotide pyrophosphatase/phosphodiesterase family member 2'
2 branched alpha-D-mannopyranose-(1-2)-alpha-D-mannopyranose-(1-3)-alpha-D-mannopyranose-(1-6)-[alpha-D-mannopyranose-(1-2)-alpha-D-mannopyranose-(1-3)]beta-D-mannopyranose-(1-4)-2-acetamido-2-deoxy-beta-D-glucopyranose-(1-4)-2-acetamido-2-deoxy-beta-D-glucopyranose
3 non-polymer 'CHLORIDE ION'
4 non-polymer 6-[(3aR,8aS)-6-{2-cyclopropyl-6-[(oxan-4-yl)methoxy]pyridine-4-carbonyl}octahydropyrrolo[3,4-d]azepine-2(1H)-carbonyl]-1-methyl-1,3-dihydro-2H-benzimidazol-2-one
5 non-polymer 'ACETATE ION'
6 non-polymer 'CALCIUM ION'
7 non-polymer 'POTASSIUM ION'
8 non-polymer 'ZINC ION'
9 non-polymer 'SODIUM ION'
10 water water
#
_entity_poly.entity_id   1
_entity_poly.type   'polypeptide(L)'
_entity_poly.pdbx_seq_one_letter_code
;FTASRIKRAEWDEGPPTVLSDSPWTATSGSCKGRCFELQEVGPPDCRCDNLCKSYSSCCHDFDELCLKTARGWECTKDRC
GEVRNEENACHCSEDCLSRGDCCTNYQVVCKGESHWVDDDCEEIKVPECPAGFVRPPLIIFSVDGFRASYMKKGSKVMPN
IEKLRSCGTHAPYMRPVYPTKTFPNLYTLATGLYPESHGIVGNSMYDPVFDASFHLRGREKFNHRWWGGQPLWITATKQG
VRAGTFFWSVSIPHERRILTILQWLSLPDNERPSVYAFYSEQPDFSGHKYGPFGPEMTNPLREIDKTVGQLMDGLKQLRL
HRCVNVIFVGDHGMEDVTCDRTEFLSNYLTNVDDITLVPGTLGRIRAKSINNSKYDPKTIIAALTCKKPDQHFKPYMKQH
LPKRLHYANNRRIEDIHLLVDRRWHVARKPLDVYKKPSGKCFFQGDHGFDNKVNSMQTVFVGYGPTFKYRTKVPPFENIE
LYNVMCDLLGLKPAPNNGTHGSLNHLLRTNTFRPTMPDEVSRPNYPGIMYLQSEFDLGCTCDDKVEPKNKLEELNKRLHT
KGSTKERHLLYGRPAVLYRTSYDILYHTDFESGYSEIFLMPLWTSYTISKQAEVSSIPEHLTNCVRPDVRVSPGFSQNCL
AYKNDKQMSYGFLFPPYLSSSPEAKYDAFLVTNMVPMYPAFKRVWAYFQRVLVKKYASERNGVNVISGPIFDYNYDGLRD
TEDEIKQYVEGSSIPVPTHYYSIITSCLDFTQPADKCDGPLSVSSFILPHRPDNDESCNSSEDESKWVEELMKMHTARVR
DIEHLTGLDFYRKTSRSYSEILTLKTYLHTYESEIGGRHHHHHHHH
;
_entity_poly.pdbx_strand_id   A
#
loop_
_chem_comp.id
_chem_comp.type
_chem_comp.name
_chem_comp.formula
ACT non-polymer 'ACETATE ION' 'C2 H3 O2 -1'
BMA D-saccharide, beta linking beta-D-mannopyranose 'C6 H12 O6'
CA non-polymer 'CALCIUM ION' 'Ca 2'
CL non-polymer 'CHLORIDE ION' 'Cl -1'
K non-polymer 'POTASSIUM ION' 'K 1'
MAN D-saccharide, alpha linking alpha-D-mannopyranose 'C6 H12 O6'
NA non-polymer 'SODIUM ION' 'Na 1'
NAG D-saccharide, beta linking 2-acetamido-2-deoxy-beta-D-glucopyranose 'C8 H15 N O6'
Y3K non-polymer 6-[(3aR,8aS)-6-{2-cyclopropyl-6-[(oxan-4-yl)methoxy]pyridine-4-carbonyl}octahydropyrrolo[3,4-d]azepine-2(1H)-carbonyl]-1-methyl-1,3-dihydro-2H-benzimidazol-2-one 'C32 H39 N5 O5'
ZN non-polymer 'ZINC ION' 'Zn 2'
#
# COMPACT_ATOMS: atom_id res chain seq x y z
N TRP A 24 21.55 11.37 32.33
CA TRP A 24 21.41 12.40 33.41
C TRP A 24 20.86 13.75 32.90
N THR A 25 19.67 14.07 33.41
CA THR A 25 19.13 15.44 33.35
C THR A 25 19.37 16.12 34.70
N ALA A 26 20.04 17.27 34.64
CA ALA A 26 20.04 18.24 35.73
C ALA A 26 18.70 18.97 35.62
N THR A 27 17.66 18.41 36.27
CA THR A 27 16.26 18.92 36.17
C THR A 27 15.97 20.14 37.09
N SER A 28 17.05 20.89 37.41
CA SER A 28 17.07 22.09 38.29
C SER A 28 16.45 23.38 37.71
N GLY A 29 16.63 23.60 36.39
CA GLY A 29 16.05 24.78 35.68
C GLY A 29 14.52 24.88 35.72
N SER A 30 13.95 25.83 35.00
CA SER A 30 12.52 26.11 35.08
C SER A 30 11.76 26.07 33.71
N CYS A 31 10.44 25.94 33.77
CA CYS A 31 9.62 25.95 32.56
C CYS A 31 8.86 27.23 32.38
N LYS A 32 9.05 28.20 33.29
CA LYS A 32 8.34 29.50 33.19
C LYS A 32 8.57 30.16 31.82
N GLY A 33 7.48 30.55 31.16
CA GLY A 33 7.53 31.08 29.80
C GLY A 33 8.02 30.14 28.70
N ARG A 34 8.34 28.89 29.05
CA ARG A 34 8.87 27.87 28.10
C ARG A 34 7.92 26.70 27.78
N CYS A 35 6.65 26.79 28.21
CA CYS A 35 5.73 25.64 28.21
C CYS A 35 5.44 25.21 26.78
N PHE A 36 5.77 23.95 26.45
CA PHE A 36 5.56 23.40 25.10
C PHE A 36 6.38 24.15 24.05
N GLU A 37 7.61 24.43 24.46
CA GLU A 37 8.67 24.93 23.59
C GLU A 37 8.81 24.06 22.33
N LEU A 38 9.02 24.73 21.20
CA LEU A 38 9.01 24.10 19.92
C LEU A 38 10.34 23.45 19.53
N GLN A 39 11.46 24.11 19.86
CA GLN A 39 12.79 23.48 19.80
C GLN A 39 13.12 22.88 21.15
N GLU A 40 13.33 21.56 21.15
CA GLU A 40 13.70 20.82 22.33
C GLU A 40 15.16 21.16 22.69
N VAL A 41 15.40 21.49 23.96
CA VAL A 41 16.76 21.83 24.45
C VAL A 41 17.59 20.59 24.88
N GLY A 42 18.91 20.68 24.69
CA GLY A 42 19.84 19.58 24.97
C GLY A 42 20.11 19.36 26.46
N PRO A 43 19.97 18.08 26.93
CA PRO A 43 20.52 17.65 28.25
C PRO A 43 21.96 18.17 28.58
N PRO A 44 22.31 18.40 29.87
CA PRO A 44 21.39 18.15 31.01
C PRO A 44 20.37 19.28 31.40
N ASP A 45 20.39 20.42 30.69
CA ASP A 45 19.35 21.47 30.87
C ASP A 45 17.95 20.87 30.65
N CYS A 46 17.02 21.21 31.54
CA CYS A 46 15.74 20.49 31.56
C CYS A 46 14.76 20.99 30.51
N ARG A 47 13.96 20.03 30.03
CA ARG A 47 13.08 20.20 28.87
C ARG A 47 11.65 20.56 29.26
N CYS A 48 10.99 21.33 28.40
CA CYS A 48 9.57 21.70 28.57
C CYS A 48 8.74 21.41 27.30
N ASP A 49 9.27 20.57 26.41
CA ASP A 49 8.56 20.13 25.20
C ASP A 49 7.50 19.07 25.52
N ASN A 50 6.56 18.90 24.59
CA ASN A 50 5.45 17.95 24.76
C ASN A 50 5.86 16.48 24.89
N LEU A 51 7.13 16.16 24.61
CA LEU A 51 7.69 14.83 24.83
C LEU A 51 8.55 14.61 26.11
N CYS A 52 8.74 15.66 26.93
CA CYS A 52 9.73 15.60 28.04
C CYS A 52 9.46 14.46 29.03
N LYS A 53 8.20 14.25 29.40
CA LYS A 53 7.77 13.16 30.28
C LYS A 53 8.37 11.82 29.86
N SER A 54 8.18 11.45 28.59
CA SER A 54 8.66 10.18 28.02
C SER A 54 10.20 9.96 28.03
N TYR A 55 10.94 10.99 28.46
CA TYR A 55 12.40 10.96 28.66
C TYR A 55 12.78 11.28 30.13
N SER A 56 11.79 11.36 31.02
CA SER A 56 11.96 11.82 32.43
C SER A 56 12.83 13.08 32.52
N SER A 57 12.53 14.07 31.70
CA SER A 57 13.45 15.19 31.51
C SER A 57 12.80 16.56 31.72
N CYS A 58 11.52 16.55 32.10
CA CYS A 58 10.80 17.77 32.38
C CYS A 58 11.40 18.53 33.56
N CYS A 59 11.33 19.86 33.52
CA CYS A 59 11.70 20.69 34.66
C CYS A 59 10.75 20.39 35.81
N HIS A 60 11.26 20.60 37.03
CA HIS A 60 10.52 20.35 38.27
C HIS A 60 9.11 20.96 38.26
N ASP A 61 8.95 22.10 37.58
CA ASP A 61 7.71 22.89 37.59
C ASP A 61 6.80 22.61 36.38
N PHE A 62 7.20 21.64 35.55
CA PHE A 62 6.46 21.32 34.33
C PHE A 62 4.98 21.11 34.57
N ASP A 63 4.62 20.24 35.52
CA ASP A 63 3.20 19.96 35.81
C ASP A 63 2.48 21.23 36.21
N GLU A 64 3.07 21.96 37.16
CA GLU A 64 2.46 23.16 37.73
C GLU A 64 2.18 24.27 36.69
N LEU A 65 3.20 24.59 35.87
CA LEU A 65 3.09 25.66 34.88
C LEU A 65 2.44 25.25 33.55
N CYS A 66 2.79 24.07 33.05
CA CYS A 66 2.34 23.57 31.73
C CYS A 66 1.11 22.66 31.70
N LEU A 67 0.82 21.93 32.78
CA LEU A 67 -0.33 21.00 32.78
C LEU A 67 -1.39 21.42 33.77
N LYS A 68 -1.69 22.71 33.73
CA LYS A 68 -2.77 23.29 34.50
C LYS A 68 -4.05 22.59 34.21
N THR A 69 -4.88 22.42 35.25
CA THR A 69 -6.16 21.72 35.14
C THR A 69 -7.31 22.47 35.85
N ALA A 70 -6.92 23.42 36.68
CA ALA A 70 -7.82 24.15 37.55
C ALA A 70 -9.00 24.69 36.76
N ARG A 71 -10.18 24.30 37.23
CA ARG A 71 -11.50 24.78 36.76
C ARG A 71 -12.05 24.06 35.53
N GLY A 72 -11.36 23.01 35.08
CA GLY A 72 -11.85 22.19 33.96
C GLY A 72 -11.66 22.82 32.58
N TRP A 73 -12.43 22.34 31.60
CA TRP A 73 -12.08 22.53 30.21
C TRP A 73 -13.08 23.36 29.42
N GLU A 74 -14.06 23.94 30.11
CA GLU A 74 -15.14 24.69 29.49
C GLU A 74 -15.51 25.95 30.29
N CYS A 75 -15.79 27.04 29.58
CA CYS A 75 -16.41 28.22 30.17
C CYS A 75 -17.86 27.92 30.56
N THR A 76 -18.37 28.71 31.53
CA THR A 76 -19.79 28.70 31.97
C THR A 76 -20.26 30.16 32.11
N LYS A 77 -21.58 30.38 32.16
CA LYS A 77 -22.15 31.75 32.23
C LYS A 77 -21.41 32.64 33.23
N ASP A 78 -21.20 32.12 34.43
CA ASP A 78 -20.56 32.89 35.52
C ASP A 78 -19.06 33.13 35.36
N ARG A 79 -18.34 32.23 34.67
CA ARG A 79 -16.91 32.45 34.39
C ARG A 79 -16.65 33.58 33.37
N CYS A 80 -17.72 34.02 32.68
CA CYS A 80 -17.62 34.98 31.56
C CYS A 80 -17.17 36.36 31.97
N GLY A 81 -16.13 36.86 31.33
CA GLY A 81 -15.59 38.19 31.59
C GLY A 81 -14.83 38.28 32.91
N GLU A 82 -14.61 37.13 33.55
CA GLU A 82 -13.80 36.98 34.76
C GLU A 82 -12.45 37.71 34.67
N VAL A 83 -11.84 37.92 35.83
CA VAL A 83 -10.48 38.43 35.84
C VAL A 83 -9.55 37.23 35.72
N ARG A 84 -8.67 37.32 34.74
CA ARG A 84 -7.66 36.30 34.42
C ARG A 84 -6.97 35.75 35.66
N ASN A 85 -7.24 34.48 35.93
CA ASN A 85 -6.53 33.71 36.94
C ASN A 85 -5.61 32.76 36.19
N GLU A 86 -4.30 33.00 36.27
CA GLU A 86 -3.31 32.20 35.54
C GLU A 86 -3.28 30.72 35.91
N GLU A 87 -3.85 30.36 37.05
CA GLU A 87 -3.93 28.96 37.48
C GLU A 87 -4.91 28.08 36.69
N ASN A 88 -5.86 28.72 36.02
CA ASN A 88 -6.91 28.03 35.25
C ASN A 88 -6.36 27.25 34.06
N ALA A 89 -6.99 26.12 33.76
CA ALA A 89 -6.65 25.29 32.60
C ALA A 89 -6.80 26.09 31.30
N CYS A 90 -7.91 26.81 31.17
CA CYS A 90 -8.19 27.70 30.02
C CYS A 90 -9.06 28.88 30.47
N HIS A 91 -9.13 29.95 29.66
CA HIS A 91 -9.61 31.25 30.21
C HIS A 91 -10.88 31.73 29.59
N CYS A 92 -11.64 32.51 30.35
CA CYS A 92 -12.93 33.07 29.92
C CYS A 92 -12.96 34.57 30.11
N SER A 93 -11.78 35.12 30.44
CA SER A 93 -11.55 36.56 30.52
C SER A 93 -11.60 37.25 29.14
N GLU A 94 -11.77 38.57 29.14
CA GLU A 94 -11.88 39.34 27.91
C GLU A 94 -10.65 39.26 27.02
N ASP A 95 -9.47 39.28 27.65
CA ASP A 95 -8.19 39.26 26.93
C ASP A 95 -7.83 37.92 26.28
N CYS A 96 -8.54 36.85 26.65
CA CYS A 96 -8.17 35.47 26.26
C CYS A 96 -7.94 35.31 24.75
N LEU A 97 -8.84 35.87 23.94
CA LEU A 97 -8.71 35.78 22.46
C LEU A 97 -7.36 36.28 21.91
N SER A 98 -6.95 37.49 22.32
CA SER A 98 -5.67 38.12 21.93
C SER A 98 -4.48 37.33 22.46
N ARG A 99 -4.62 36.82 23.69
CA ARG A 99 -3.67 35.91 24.30
C ARG A 99 -3.70 34.50 23.66
N GLY A 100 -4.82 34.14 23.03
CA GLY A 100 -4.99 32.86 22.30
C GLY A 100 -5.21 31.65 23.19
N ASP A 101 -5.75 31.85 24.40
CA ASP A 101 -5.90 30.78 25.39
C ASP A 101 -7.28 30.67 26.04
N CYS A 102 -8.32 31.10 25.31
CA CYS A 102 -9.69 30.85 25.72
C CYS A 102 -10.00 29.35 25.75
N CYS A 103 -10.89 28.92 26.66
CA CYS A 103 -11.50 27.61 26.54
C CYS A 103 -12.20 27.59 25.19
N THR A 104 -12.25 26.43 24.58
CA THR A 104 -12.66 26.37 23.17
C THR A 104 -14.12 26.75 23.01
N ASN A 105 -14.87 26.68 24.10
CA ASN A 105 -16.30 26.97 24.05
C ASN A 105 -16.64 28.41 24.53
N TYR A 106 -15.59 29.22 24.77
CA TYR A 106 -15.73 30.64 25.18
C TYR A 106 -16.72 31.51 24.41
N GLN A 107 -16.56 31.68 23.08
CA GLN A 107 -17.51 32.49 22.30
CA GLN A 107 -17.50 32.51 22.32
C GLN A 107 -18.93 31.92 22.31
N VAL A 108 -19.05 30.62 22.56
CA VAL A 108 -20.37 30.00 22.55
C VAL A 108 -21.14 30.35 23.82
N VAL A 109 -20.50 30.14 24.96
CA VAL A 109 -21.07 30.45 26.26
C VAL A 109 -21.12 31.95 26.55
N CYS A 110 -20.02 32.67 26.30
CA CYS A 110 -19.92 34.09 26.63
C CYS A 110 -20.31 35.10 25.56
N LYS A 111 -20.28 34.74 24.28
CA LYS A 111 -20.58 35.75 23.21
C LYS A 111 -21.74 35.40 22.27
N GLY A 112 -22.57 34.43 22.66
CA GLY A 112 -23.69 33.98 21.84
C GLY A 112 -23.36 33.34 20.48
N GLU A 113 -22.14 32.85 20.29
CA GLU A 113 -21.80 32.15 19.05
C GLU A 113 -22.34 30.71 19.06
N SER A 114 -22.51 30.12 17.88
CA SER A 114 -22.82 28.70 17.76
C SER A 114 -21.55 27.81 17.67
N HIS A 115 -21.66 26.57 18.13
CA HIS A 115 -20.62 25.55 17.92
C HIS A 115 -20.42 25.36 16.45
N TRP A 116 -19.19 25.07 16.04
CA TRP A 116 -18.91 24.81 14.61
C TRP A 116 -19.82 23.74 14.01
N VAL A 117 -20.06 22.65 14.76
CA VAL A 117 -20.87 21.53 14.27
C VAL A 117 -22.31 21.92 13.89
N ASP A 118 -22.83 23.00 14.46
CA ASP A 118 -24.22 23.47 14.24
C ASP A 118 -24.38 24.46 13.08
N ASP A 119 -23.27 24.90 12.51
CA ASP A 119 -23.27 25.79 11.35
C ASP A 119 -23.44 24.95 10.12
N ASP A 120 -24.20 25.46 9.17
CA ASP A 120 -24.37 24.79 7.88
C ASP A 120 -23.03 24.73 7.21
N CYS A 121 -22.72 23.68 6.43
CA CYS A 121 -21.49 23.83 5.69
CA CYS A 121 -21.55 23.65 5.58
C CYS A 121 -21.60 24.74 4.50
N GLU A 122 -20.48 25.37 4.19
CA GLU A 122 -20.43 26.39 3.16
C GLU A 122 -19.11 26.12 2.50
N GLU A 123 -19.14 26.00 1.19
CA GLU A 123 -17.95 25.72 0.38
C GLU A 123 -16.83 26.65 0.77
N ILE A 124 -15.63 26.12 0.94
CA ILE A 124 -14.48 26.97 1.20
C ILE A 124 -13.70 27.08 -0.11
N LYS A 125 -13.98 28.12 -0.88
CA LYS A 125 -13.38 28.29 -2.20
C LYS A 125 -11.94 28.74 -2.16
N VAL A 126 -11.61 29.58 -1.18
CA VAL A 126 -10.26 30.12 -1.05
C VAL A 126 -9.87 30.08 0.43
N PRO A 127 -8.56 30.05 0.74
CA PRO A 127 -8.22 30.19 2.17
C PRO A 127 -8.69 31.54 2.72
N GLU A 128 -9.46 31.52 3.82
CA GLU A 128 -9.89 32.75 4.49
C GLU A 128 -9.07 32.85 5.78
N CYS A 129 -7.88 33.43 5.67
CA CYS A 129 -6.88 33.41 6.75
C CYS A 129 -6.59 34.81 7.32
N PRO A 130 -6.23 34.90 8.62
CA PRO A 130 -5.65 36.17 9.12
C PRO A 130 -4.48 36.71 8.29
N ALA A 131 -4.36 38.03 8.25
CA ALA A 131 -3.21 38.70 7.64
C ALA A 131 -1.92 38.13 8.25
N GLY A 132 -0.95 37.88 7.39
CA GLY A 132 0.32 37.32 7.85
C GLY A 132 0.48 35.81 7.71
N PHE A 133 -0.59 35.08 7.39
CA PHE A 133 -0.46 33.65 7.10
C PHE A 133 0.09 33.48 5.67
N VAL A 134 1.28 32.90 5.52
CA VAL A 134 1.85 32.71 4.15
C VAL A 134 1.22 31.55 3.39
N ARG A 135 0.59 30.62 4.12
CA ARG A 135 -0.02 29.40 3.52
C ARG A 135 -1.06 28.88 4.51
N PRO A 136 -2.08 28.16 4.05
CA PRO A 136 -3.01 27.56 5.02
C PRO A 136 -2.32 26.53 5.92
N PRO A 137 -2.51 26.64 7.25
CA PRO A 137 -1.86 25.58 8.05
C PRO A 137 -2.43 24.19 7.76
N LEU A 138 -1.65 23.14 8.03
CA LEU A 138 -2.15 21.77 8.00
C LEU A 138 -2.16 21.17 9.38
N ILE A 139 -3.31 20.66 9.78
CA ILE A 139 -3.49 19.90 11.02
C ILE A 139 -3.84 18.44 10.73
N ILE A 140 -2.96 17.54 11.20
CA ILE A 140 -3.18 16.12 10.97
C ILE A 140 -3.67 15.47 12.26
N PHE A 141 -4.91 15.00 12.24
CA PHE A 141 -5.54 14.44 13.42
C PHE A 141 -5.58 12.93 13.19
N SER A 142 -4.64 12.19 13.78
CA SER A 142 -4.59 10.74 13.60
C SER A 142 -5.21 9.97 14.77
N VAL A 143 -5.99 8.96 14.41
CA VAL A 143 -6.74 8.15 15.39
C VAL A 143 -6.30 6.71 15.28
N ASP A 144 -5.71 6.21 16.35
CA ASP A 144 -5.22 4.85 16.39
C ASP A 144 -6.39 3.87 16.36
N GLY A 145 -6.31 2.89 15.46
CA GLY A 145 -7.30 1.80 15.41
C GLY A 145 -8.71 2.16 14.97
N PHE A 146 -8.87 3.29 14.28
CA PHE A 146 -10.16 3.75 13.85
C PHE A 146 -10.50 3.02 12.54
N ARG A 147 -11.21 1.91 12.70
CA ARG A 147 -11.67 1.06 11.63
C ARG A 147 -12.60 1.83 10.68
N ALA A 148 -12.50 1.51 9.38
CA ALA A 148 -13.19 2.29 8.33
C ALA A 148 -14.71 2.32 8.55
N SER A 149 -15.30 1.19 8.95
CA SER A 149 -16.75 1.16 9.12
C SER A 149 -17.28 1.93 10.33
N TYR A 150 -16.42 2.36 11.27
CA TYR A 150 -16.91 3.31 12.30
C TYR A 150 -17.55 4.55 11.73
N MET A 151 -17.12 5.02 10.55
CA MET A 151 -17.74 6.26 9.98
C MET A 151 -19.24 6.12 9.77
N LYS A 152 -19.65 4.92 9.38
CA LYS A 152 -21.07 4.66 9.19
C LYS A 152 -21.69 4.16 10.49
N LYS A 153 -21.04 3.18 11.13
CA LYS A 153 -21.62 2.49 12.29
C LYS A 153 -21.68 3.36 13.55
N GLY A 154 -20.84 4.39 13.63
CA GLY A 154 -20.82 5.24 14.82
C GLY A 154 -21.27 6.65 14.49
N SER A 155 -21.85 6.81 13.30
CA SER A 155 -22.23 8.14 12.79
C SER A 155 -23.17 8.94 13.68
N LYS A 156 -24.07 8.27 14.43
CA LYS A 156 -24.97 8.97 15.35
C LYS A 156 -24.25 9.59 16.53
N VAL A 157 -23.09 9.07 16.89
CA VAL A 157 -22.42 9.57 18.07
C VAL A 157 -21.19 10.41 17.73
N MET A 158 -20.96 10.64 16.43
CA MET A 158 -19.81 11.44 16.01
C MET A 158 -20.22 12.62 15.10
N PRO A 159 -21.02 13.56 15.61
CA PRO A 159 -21.52 14.61 14.72
C PRO A 159 -20.44 15.54 14.11
N ASN A 160 -19.37 15.89 14.86
CA ASN A 160 -18.28 16.70 14.29
C ASN A 160 -17.49 16.03 13.13
N ILE A 161 -17.13 14.76 13.33
CA ILE A 161 -16.42 13.94 12.35
C ILE A 161 -17.28 13.76 11.09
N GLU A 162 -18.58 13.54 11.30
CA GLU A 162 -19.54 13.43 10.22
C GLU A 162 -19.71 14.67 9.40
N LYS A 163 -19.65 15.84 10.07
CA LYS A 163 -19.62 17.11 9.34
C LYS A 163 -18.31 17.24 8.55
N LEU A 164 -17.16 16.94 9.15
CA LEU A 164 -15.90 16.93 8.33
C LEU A 164 -16.04 16.03 7.08
N ARG A 165 -16.53 14.82 7.32
CA ARG A 165 -16.67 13.82 6.29
C ARG A 165 -17.63 14.21 5.17
N SER A 166 -18.82 14.69 5.51
CA SER A 166 -19.80 14.94 4.46
C SER A 166 -19.51 16.25 3.76
N CYS A 167 -18.88 17.17 4.48
CA CYS A 167 -18.65 18.48 3.89
CA CYS A 167 -18.58 18.52 4.02
C CYS A 167 -17.32 18.60 3.17
N GLY A 168 -16.33 17.78 3.56
CA GLY A 168 -14.99 17.78 2.96
C GLY A 168 -14.90 16.71 1.89
N THR A 169 -13.70 16.13 1.74
CA THR A 169 -13.38 15.08 0.79
C THR A 169 -13.18 13.83 1.61
N HIS A 170 -13.79 12.71 1.26
CA HIS A 170 -13.56 11.49 2.03
C HIS A 170 -13.46 10.27 1.13
N ALA A 171 -12.78 9.22 1.61
CA ALA A 171 -12.79 7.94 0.91
C ALA A 171 -13.65 7.04 1.74
N PRO A 172 -14.23 5.98 1.14
CA PRO A 172 -15.00 5.05 1.99
C PRO A 172 -14.09 4.25 2.93
N TYR A 173 -12.82 4.07 2.56
CA TYR A 173 -11.77 3.58 3.45
C TYR A 173 -10.41 3.88 2.86
N MET A 174 -9.40 3.76 3.72
CA MET A 174 -8.01 3.91 3.30
C MET A 174 -7.30 2.62 3.65
N ARG A 175 -6.54 2.07 2.71
CA ARG A 175 -5.76 0.84 2.92
C ARG A 175 -4.44 1.10 3.68
N PRO A 176 -4.26 0.50 4.88
CA PRO A 176 -2.93 0.58 5.61
C PRO A 176 -1.85 -0.18 4.89
N VAL A 177 -0.62 -0.11 5.39
CA VAL A 177 0.41 -1.03 4.92
C VAL A 177 0.49 -2.29 5.82
N TYR A 178 1.13 -3.32 5.31
CA TYR A 178 1.38 -4.53 6.09
C TYR A 178 2.76 -4.39 6.76
N PRO A 179 2.92 -4.80 8.03
CA PRO A 179 1.85 -5.30 8.85
C PRO A 179 0.98 -4.17 9.37
N THR A 180 -0.31 -4.43 9.54
CA THR A 180 -1.23 -3.40 9.96
C THR A 180 -1.09 -3.12 11.48
N LYS A 181 0.14 -2.82 11.87
CA LYS A 181 0.50 -2.38 13.21
C LYS A 181 0.68 -0.85 13.29
N THR A 182 0.74 -0.34 14.52
CA THR A 182 0.82 1.11 14.78
C THR A 182 2.07 1.80 14.24
N PHE A 183 3.25 1.38 14.68
CA PHE A 183 4.47 2.07 14.28
C PHE A 183 4.73 1.99 12.75
N PRO A 184 4.54 0.81 12.14
CA PRO A 184 4.74 0.75 10.69
C PRO A 184 3.84 1.73 9.95
N ASN A 185 2.57 1.80 10.36
CA ASN A 185 1.61 2.66 9.70
C ASN A 185 1.77 4.15 9.92
N LEU A 186 2.04 4.53 11.16
CA LEU A 186 2.31 5.94 11.46
C LEU A 186 3.58 6.39 10.73
N TYR A 187 4.57 5.54 10.65
CA TYR A 187 5.80 5.94 10.00
C TYR A 187 5.68 5.97 8.45
N THR A 188 4.79 5.13 7.91
CA THR A 188 4.44 5.17 6.50
C THR A 188 3.68 6.48 6.19
N LEU A 189 2.73 6.85 7.06
CA LEU A 189 2.03 8.12 6.96
C LEU A 189 3.01 9.30 6.95
N ALA A 190 4.05 9.23 7.78
CA ALA A 190 5.09 10.26 7.89
C ALA A 190 6.00 10.36 6.70
N THR A 191 6.21 9.26 6.00
CA THR A 191 7.29 9.17 5.00
C THR A 191 6.90 8.82 3.56
N GLY A 192 5.75 8.21 3.37
CA GLY A 192 5.32 7.68 2.07
C GLY A 192 6.03 6.40 1.65
N LEU A 193 6.65 5.73 2.60
CA LEU A 193 7.50 4.57 2.28
C LEU A 193 6.89 3.29 2.77
N TYR A 194 7.08 2.19 2.04
CA TYR A 194 6.82 0.85 2.59
C TYR A 194 7.67 0.59 3.87
N PRO A 195 7.11 -0.13 4.87
CA PRO A 195 7.91 -0.52 6.05
C PRO A 195 9.25 -1.09 5.67
N GLU A 196 9.33 -1.89 4.58
CA GLU A 196 10.61 -2.48 4.19
C GLU A 196 11.61 -1.39 3.83
N SER A 197 11.15 -0.21 3.39
CA SER A 197 12.12 0.82 3.04
C SER A 197 12.37 1.80 4.19
N HIS A 198 11.33 2.14 4.98
CA HIS A 198 11.56 3.04 6.11
C HIS A 198 12.17 2.35 7.37
N GLY A 199 12.13 1.00 7.39
CA GLY A 199 12.81 0.25 8.43
C GLY A 199 11.99 -0.12 9.63
N ILE A 200 10.82 0.46 9.81
CA ILE A 200 9.99 0.09 10.96
C ILE A 200 9.07 -1.01 10.49
N VAL A 201 9.56 -2.26 10.53
CA VAL A 201 8.88 -3.38 9.82
C VAL A 201 7.93 -4.10 10.76
N GLY A 202 7.90 -3.63 11.99
CA GLY A 202 6.97 -4.16 12.98
C GLY A 202 6.92 -3.26 14.21
N ASN A 203 5.99 -3.58 15.13
CA ASN A 203 6.02 -3.01 16.48
C ASN A 203 7.20 -3.58 17.30
N SER A 204 7.65 -4.79 16.95
CA SER A 204 8.79 -5.45 17.59
C SER A 204 9.84 -5.86 16.52
N MET A 205 11.14 -5.65 16.76
CA MET A 205 12.16 -5.88 15.70
C MET A 205 13.54 -6.25 16.24
N TYR A 206 14.26 -7.07 15.48
CA TYR A 206 15.66 -7.33 15.79
C TYR A 206 16.49 -6.97 14.58
N ASP A 207 17.48 -6.09 14.73
CA ASP A 207 18.35 -5.74 13.62
C ASP A 207 19.70 -6.44 13.85
N PRO A 208 20.00 -7.44 13.02
CA PRO A 208 21.22 -8.24 13.20
C PRO A 208 22.52 -7.46 12.96
N VAL A 209 22.50 -6.42 12.12
CA VAL A 209 23.67 -5.57 11.93
C VAL A 209 23.98 -4.78 13.20
N PHE A 210 22.94 -4.24 13.83
CA PHE A 210 23.12 -3.47 15.06
C PHE A 210 23.33 -4.42 16.23
N ASP A 211 22.83 -5.65 16.10
CA ASP A 211 22.56 -6.55 17.21
C ASP A 211 21.78 -5.82 18.31
N ALA A 212 20.71 -5.13 17.92
CA ALA A 212 19.81 -4.52 18.89
C ALA A 212 18.36 -4.87 18.59
N SER A 213 17.53 -4.82 19.63
CA SER A 213 16.08 -4.98 19.52
C SER A 213 15.28 -3.68 19.70
N PHE A 214 14.15 -3.59 19.00
CA PHE A 214 13.21 -2.47 19.03
C PHE A 214 11.90 -2.99 19.65
N HIS A 215 11.41 -2.31 20.69
CA HIS A 215 10.10 -2.65 21.31
C HIS A 215 9.30 -1.39 21.61
N LEU A 216 7.97 -1.54 21.67
CA LEU A 216 7.06 -0.50 22.17
C LEU A 216 7.51 0.06 23.54
N ARG A 217 7.72 -0.85 24.49
CA ARG A 217 8.26 -0.50 25.80
C ARG A 217 9.73 -0.19 25.63
N GLY A 218 10.17 0.96 26.14
CA GLY A 218 11.59 1.17 26.41
C GLY A 218 12.34 2.13 25.53
N ARG A 219 13.66 2.14 25.73
CA ARG A 219 14.52 3.21 25.27
C ARG A 219 14.95 3.09 23.80
N GLU A 220 15.22 1.86 23.33
CA GLU A 220 15.93 1.63 22.03
C GLU A 220 15.19 2.27 20.81
N LYS A 221 13.86 2.23 20.85
CA LYS A 221 12.99 2.88 19.86
C LYS A 221 13.26 4.38 19.67
N PHE A 222 13.85 5.04 20.67
CA PHE A 222 14.26 6.45 20.53
C PHE A 222 15.53 6.66 19.74
N ASN A 223 16.35 5.61 19.62
CA ASN A 223 17.57 5.74 18.85
C ASN A 223 17.23 6.02 17.37
N HIS A 224 17.92 7.01 16.78
CA HIS A 224 17.66 7.48 15.41
C HIS A 224 17.95 6.47 14.28
N ARG A 225 18.81 5.50 14.55
CA ARG A 225 19.19 4.52 13.55
C ARG A 225 18.06 3.54 13.12
N TRP A 226 16.98 3.41 13.90
CA TRP A 226 15.81 2.63 13.45
C TRP A 226 15.03 3.24 12.27
N TRP A 227 15.07 4.59 12.16
CA TRP A 227 14.06 5.36 11.45
C TRP A 227 14.65 5.86 10.16
N GLY A 228 14.34 5.20 9.05
CA GLY A 228 14.86 5.59 7.73
C GLY A 228 13.91 6.56 7.00
N GLY A 229 14.22 6.81 5.71
CA GLY A 229 13.52 7.78 4.85
C GLY A 229 13.54 9.17 5.46
N GLN A 230 12.66 10.04 5.01
CA GLN A 230 12.61 11.39 5.53
C GLN A 230 11.17 11.73 5.90
N PRO A 231 10.87 11.77 7.21
CA PRO A 231 9.49 12.03 7.60
C PRO A 231 9.12 13.50 7.41
N LEU A 232 7.80 13.75 7.35
CA LEU A 232 7.24 15.04 6.97
C LEU A 232 7.83 16.22 7.76
N TRP A 233 7.96 16.06 9.08
CA TRP A 233 8.53 17.15 9.93
C TRP A 233 9.94 17.53 9.49
N ILE A 234 10.73 16.58 9.00
CA ILE A 234 12.09 16.86 8.55
C ILE A 234 12.06 17.46 7.14
N THR A 235 11.16 16.94 6.30
CA THR A 235 10.97 17.50 4.98
C THR A 235 10.55 19.00 5.08
N ALA A 236 9.70 19.32 6.05
CA ALA A 236 9.19 20.67 6.18
C ALA A 236 10.36 21.59 6.66
N THR A 237 11.03 21.19 7.74
CA THR A 237 12.16 21.97 8.30
C THR A 237 13.22 22.30 7.26
N LYS A 238 13.70 21.27 6.56
CA LYS A 238 14.70 21.43 5.49
C LYS A 238 14.32 22.39 4.39
N GLN A 239 13.03 22.58 4.16
CA GLN A 239 12.60 23.50 3.14
C GLN A 239 12.03 24.73 3.79
N GLY A 240 12.35 24.97 5.05
CA GLY A 240 11.96 26.23 5.70
C GLY A 240 10.51 26.39 6.10
N VAL A 241 9.79 25.28 6.27
CA VAL A 241 8.43 25.29 6.80
C VAL A 241 8.53 24.81 8.23
N ARG A 242 7.99 25.58 9.15
CA ARG A 242 8.08 25.27 10.59
C ARG A 242 7.08 24.19 10.97
N ALA A 243 7.55 23.21 11.74
CA ALA A 243 6.70 22.10 12.16
C ALA A 243 6.40 22.10 13.66
N GLY A 244 5.13 21.97 14.02
CA GLY A 244 4.70 21.72 15.42
C GLY A 244 5.22 20.33 15.83
N THR A 245 5.58 20.15 17.09
CA THR A 245 6.10 18.84 17.54
C THR A 245 4.94 17.81 17.46
N PHE A 246 5.16 16.72 16.71
CA PHE A 246 4.13 15.76 16.28
C PHE A 246 3.67 14.81 17.40
N PHE A 247 4.49 14.73 18.44
CA PHE A 247 4.44 13.64 19.40
C PHE A 247 4.05 14.15 20.76
N TRP A 248 3.15 13.43 21.41
CA TRP A 248 2.67 13.79 22.71
C TRP A 248 2.89 12.67 23.74
N SER A 249 3.44 13.03 24.91
CA SER A 249 3.53 12.12 26.07
C SER A 249 2.10 11.70 26.41
N VAL A 250 1.89 10.40 26.55
CA VAL A 250 0.53 9.84 26.67
C VAL A 250 -0.26 10.40 27.88
N SER A 251 0.43 10.86 28.93
CA SER A 251 -0.30 11.39 30.09
C SER A 251 -0.82 12.82 29.89
N ILE A 252 -0.35 13.53 28.85
CA ILE A 252 -0.93 14.85 28.53
C ILE A 252 -2.37 14.68 28.01
N PRO A 253 -3.36 15.24 28.72
CA PRO A 253 -4.72 14.97 28.26
C PRO A 253 -5.03 15.64 26.91
N HIS A 254 -5.95 15.00 26.19
CA HIS A 254 -6.37 15.45 24.87
C HIS A 254 -6.71 16.92 24.83
N GLU A 255 -7.46 17.41 25.82
CA GLU A 255 -7.86 18.82 25.88
C GLU A 255 -6.67 19.79 25.92
N ARG A 256 -5.64 19.41 26.67
CA ARG A 256 -4.41 20.17 26.78
C ARG A 256 -3.66 20.20 25.43
N ARG A 257 -3.68 19.08 24.71
CA ARG A 257 -3.05 18.97 23.38
C ARG A 257 -3.70 19.93 22.40
N ILE A 258 -5.04 19.98 22.42
CA ILE A 258 -5.81 20.83 21.55
C ILE A 258 -5.47 22.30 21.85
N LEU A 259 -5.51 22.68 23.15
CA LEU A 259 -5.27 24.05 23.61
C LEU A 259 -3.88 24.49 23.23
N THR A 260 -2.91 23.57 23.35
CA THR A 260 -1.54 23.83 22.93
C THR A 260 -1.45 24.15 21.41
N ILE A 261 -2.10 23.34 20.58
CA ILE A 261 -2.15 23.56 19.15
C ILE A 261 -2.77 24.93 18.88
N LEU A 262 -3.88 25.22 19.56
CA LEU A 262 -4.53 26.52 19.38
C LEU A 262 -3.64 27.72 19.76
N GLN A 263 -2.89 27.55 20.84
CA GLN A 263 -1.87 28.49 21.29
C GLN A 263 -0.75 28.71 20.27
N TRP A 264 -0.22 27.64 19.70
CA TRP A 264 0.85 27.78 18.75
C TRP A 264 0.37 28.55 17.55
N LEU A 265 -0.92 28.40 17.24
CA LEU A 265 -1.56 29.04 16.11
C LEU A 265 -1.74 30.54 16.34
N SER A 266 -1.53 30.98 17.57
CA SER A 266 -1.62 32.41 17.92
C SER A 266 -0.23 33.06 17.99
N LEU A 267 0.85 32.27 17.80
CA LEU A 267 2.20 32.80 17.78
C LEU A 267 2.40 33.82 16.65
N PRO A 268 3.42 34.71 16.78
CA PRO A 268 3.75 35.63 15.67
C PRO A 268 4.14 34.87 14.42
N ASP A 269 3.89 35.51 13.28
CA ASP A 269 4.16 34.99 11.95
C ASP A 269 5.53 34.31 11.82
N ASN A 270 6.57 34.87 12.41
CA ASN A 270 7.91 34.32 12.22
C ASN A 270 8.19 33.05 13.06
N GLU A 271 7.33 32.74 14.02
CA GLU A 271 7.52 31.64 14.98
C GLU A 271 6.47 30.51 14.86
N ARG A 272 5.37 30.80 14.18
CA ARG A 272 4.17 29.95 14.19
C ARG A 272 4.37 28.74 13.26
N PRO A 273 4.13 27.49 13.76
CA PRO A 273 4.28 26.37 12.82
C PRO A 273 3.26 26.42 11.67
N SER A 274 3.63 25.85 10.54
CA SER A 274 2.66 25.62 9.46
C SER A 274 2.02 24.20 9.48
N VAL A 275 2.62 23.24 10.18
CA VAL A 275 2.02 21.90 10.23
C VAL A 275 1.97 21.48 11.70
N TYR A 276 0.89 20.80 12.05
CA TYR A 276 0.61 20.33 13.40
C TYR A 276 0.09 18.91 13.33
N ALA A 277 0.38 18.15 14.38
CA ALA A 277 -0.15 16.77 14.50
C ALA A 277 -0.81 16.54 15.88
N PHE A 278 -2.00 15.94 15.85
CA PHE A 278 -2.64 15.44 17.07
C PHE A 278 -2.74 13.94 16.86
N TYR A 279 -2.47 13.17 17.90
CA TYR A 279 -2.59 11.72 17.90
C TYR A 279 -3.50 11.27 19.06
N SER A 280 -4.49 10.45 18.74
CA SER A 280 -5.33 9.84 19.74
C SER A 280 -5.03 8.32 19.86
N GLU A 281 -4.86 7.88 21.11
CA GLU A 281 -4.61 6.48 21.52
C GLU A 281 -5.86 5.65 21.33
N GLN A 282 -7.00 6.33 21.36
CA GLN A 282 -8.33 5.80 21.05
C GLN A 282 -8.67 5.92 19.54
N PRO A 283 -9.48 5.02 18.98
CA PRO A 283 -10.15 3.93 19.77
C PRO A 283 -9.37 2.60 19.91
N ASP A 284 -8.13 2.55 19.44
CA ASP A 284 -7.34 1.32 19.49
C ASP A 284 -7.29 0.71 20.92
N PHE A 285 -7.10 1.59 21.90
CA PHE A 285 -6.81 1.14 23.25
C PHE A 285 -8.02 0.38 23.80
N SER A 286 -9.21 0.96 23.62
CA SER A 286 -10.44 0.28 24.00
C SER A 286 -10.77 -0.93 23.15
N GLY A 287 -10.54 -0.82 21.83
CA GLY A 287 -10.81 -1.90 20.87
C GLY A 287 -10.07 -3.18 21.19
N HIS A 288 -8.84 -3.07 21.69
CA HIS A 288 -8.10 -4.25 22.13
C HIS A 288 -8.81 -4.98 23.29
N LYS A 289 -9.35 -4.23 24.25
CA LYS A 289 -10.01 -4.81 25.41
C LYS A 289 -11.37 -5.36 25.06
N TYR A 290 -12.13 -4.66 24.22
CA TYR A 290 -13.56 -4.94 24.04
C TYR A 290 -13.99 -5.46 22.70
N GLY A 291 -13.07 -5.57 21.75
CA GLY A 291 -13.43 -5.91 20.37
C GLY A 291 -13.86 -4.69 19.56
N PRO A 292 -13.76 -4.77 18.22
CA PRO A 292 -14.02 -3.55 17.42
C PRO A 292 -15.41 -3.00 17.64
N PHE A 293 -16.40 -3.86 17.90
CA PHE A 293 -17.80 -3.35 18.08
C PHE A 293 -18.44 -3.60 19.45
N GLY A 294 -17.59 -3.79 20.45
CA GLY A 294 -18.06 -4.01 21.82
C GLY A 294 -18.87 -2.81 22.25
N PRO A 295 -19.95 -3.02 23.05
CA PRO A 295 -20.78 -1.88 23.48
C PRO A 295 -19.97 -0.80 24.19
N GLU A 296 -18.86 -1.18 24.81
CA GLU A 296 -17.97 -0.21 25.49
C GLU A 296 -17.23 0.73 24.49
N MET A 297 -17.41 0.49 23.18
CA MET A 297 -16.73 1.26 22.12
C MET A 297 -17.42 2.59 21.82
N THR A 298 -18.66 2.75 22.27
CA THR A 298 -19.41 3.94 21.95
C THR A 298 -18.80 5.16 22.61
N ASN A 299 -18.51 5.05 23.92
CA ASN A 299 -17.86 6.13 24.66
C ASN A 299 -16.53 6.65 24.09
N PRO A 300 -15.54 5.77 23.78
CA PRO A 300 -14.33 6.31 23.11
C PRO A 300 -14.65 7.03 21.78
N LEU A 301 -15.65 6.57 21.01
CA LEU A 301 -16.00 7.29 19.77
C LEU A 301 -16.56 8.68 20.06
N ARG A 302 -17.42 8.76 21.05
CA ARG A 302 -17.99 10.00 21.55
C ARG A 302 -16.88 10.92 22.01
N GLU A 303 -15.96 10.41 22.81
CA GLU A 303 -14.86 11.25 23.31
C GLU A 303 -13.95 11.78 22.17
N ILE A 304 -13.66 10.95 21.15
CA ILE A 304 -12.89 11.46 19.97
C ILE A 304 -13.67 12.59 19.27
N ASP A 305 -14.96 12.39 19.07
CA ASP A 305 -15.75 13.43 18.45
C ASP A 305 -15.77 14.76 19.20
N LYS A 306 -15.92 14.70 20.52
CA LYS A 306 -15.83 15.87 21.36
C LYS A 306 -14.46 16.58 21.22
N THR A 307 -13.37 15.83 21.08
CA THR A 307 -12.06 16.44 20.83
C THR A 307 -12.00 17.19 19.50
N VAL A 308 -12.58 16.59 18.45
CA VAL A 308 -12.59 17.21 17.13
C VAL A 308 -13.42 18.49 17.25
N GLY A 309 -14.55 18.39 17.94
CA GLY A 309 -15.42 19.54 18.28
C GLY A 309 -14.70 20.70 18.97
N GLN A 310 -13.85 20.36 19.93
CA GLN A 310 -13.06 21.38 20.62
C GLN A 310 -12.06 22.03 19.66
N LEU A 311 -11.40 21.25 18.82
CA LEU A 311 -10.51 21.78 17.79
C LEU A 311 -11.24 22.73 16.87
N MET A 312 -12.38 22.29 16.35
CA MET A 312 -13.09 23.10 15.36
C MET A 312 -13.69 24.35 16.00
N ASP A 313 -14.18 24.24 17.22
CA ASP A 313 -14.66 25.45 17.95
C ASP A 313 -13.51 26.41 18.18
N GLY A 314 -12.38 25.87 18.62
CA GLY A 314 -11.18 26.65 18.88
C GLY A 314 -10.70 27.39 17.64
N LEU A 315 -10.74 26.70 16.49
CA LEU A 315 -10.32 27.27 15.20
C LEU A 315 -11.31 28.37 14.80
N LYS A 316 -12.60 28.10 14.98
CA LYS A 316 -13.60 29.09 14.68
C LYS A 316 -13.40 30.41 15.49
N GLN A 317 -13.12 30.30 16.80
CA GLN A 317 -12.78 31.44 17.68
C GLN A 317 -11.63 32.27 17.16
N LEU A 318 -10.57 31.61 16.68
CA LEU A 318 -9.44 32.31 16.11
C LEU A 318 -9.69 32.72 14.63
N ARG A 319 -10.91 32.52 14.12
CA ARG A 319 -11.26 32.75 12.69
C ARG A 319 -10.29 31.97 11.78
N LEU A 320 -10.07 30.70 12.10
CA LEU A 320 -9.14 29.88 11.36
C LEU A 320 -9.85 28.68 10.75
N HIS A 321 -11.16 28.59 10.97
CA HIS A 321 -11.94 27.42 10.58
C HIS A 321 -12.17 27.29 9.08
N ARG A 322 -11.88 28.35 8.33
CA ARG A 322 -11.97 28.35 6.87
C ARG A 322 -10.59 28.69 6.28
N CYS A 323 -9.55 28.44 7.06
CA CYS A 323 -8.21 28.75 6.68
C CYS A 323 -7.32 27.50 6.71
N VAL A 324 -7.53 26.67 7.71
CA VAL A 324 -6.75 25.48 7.96
C VAL A 324 -7.23 24.26 7.14
N ASN A 325 -6.29 23.47 6.63
CA ASN A 325 -6.62 22.15 6.12
C ASN A 325 -6.49 21.13 7.24
N VAL A 326 -7.54 20.34 7.41
CA VAL A 326 -7.61 19.32 8.43
C VAL A 326 -7.65 17.96 7.77
N ILE A 327 -6.73 17.10 8.18
CA ILE A 327 -6.77 15.66 7.80
C ILE A 327 -7.11 14.84 9.04
N PHE A 328 -8.17 14.02 8.92
CA PHE A 328 -8.56 13.02 9.92
C PHE A 328 -8.23 11.63 9.33
N VAL A 329 -7.31 10.92 9.97
CA VAL A 329 -6.75 9.74 9.33
C VAL A 329 -6.49 8.67 10.39
N GLY A 330 -6.71 7.40 10.06
CA GLY A 330 -6.30 6.37 11.01
C GLY A 330 -5.06 5.60 10.58
N ASP A 331 -4.48 4.84 11.49
CA ASP A 331 -3.35 4.02 11.10
C ASP A 331 -3.72 2.60 10.59
N HIS A 332 -4.83 2.03 11.09
CA HIS A 332 -5.25 0.63 10.78
C HIS A 332 -6.61 0.45 11.47
N GLY A 333 -7.33 -0.60 11.11
CA GLY A 333 -8.61 -0.96 11.75
C GLY A 333 -8.39 -1.85 12.99
N MET A 334 -9.35 -2.72 13.27
CA MET A 334 -9.36 -3.62 14.46
C MET A 334 -10.31 -4.75 14.15
N GLU A 335 -9.88 -5.96 14.47
CA GLU A 335 -10.63 -7.19 14.23
C GLU A 335 -10.91 -7.90 15.58
N ASP A 336 -11.88 -8.80 15.58
CA ASP A 336 -12.20 -9.66 16.72
C ASP A 336 -11.21 -10.75 16.83
N VAL A 337 -10.49 -10.79 17.95
CA VAL A 337 -9.46 -11.79 18.17
C VAL A 337 -9.51 -12.10 19.67
N THR A 338 -9.54 -13.38 20.02
CA THR A 338 -9.50 -13.85 21.41
C THR A 338 -8.47 -15.00 21.64
N CYS A 339 -8.15 -15.27 22.91
CA CYS A 339 -7.11 -16.25 23.38
C CYS A 339 -7.32 -17.65 22.81
N ASP A 340 -8.57 -18.08 22.77
CA ASP A 340 -8.92 -19.39 22.28
C ASP A 340 -8.61 -19.54 20.79
N ARG A 341 -8.57 -18.44 20.03
CA ARG A 341 -8.13 -18.51 18.61
C ARG A 341 -6.61 -18.28 18.48
N THR A 342 -5.83 -19.22 19.02
CA THR A 342 -4.39 -19.21 18.93
C THR A 342 -3.98 -20.57 18.39
N GLU A 343 -3.12 -20.56 17.39
CA GLU A 343 -2.44 -21.74 16.92
C GLU A 343 -1.11 -21.73 17.65
N PHE A 344 -0.59 -22.91 17.99
CA PHE A 344 0.68 -23.00 18.70
C PHE A 344 1.68 -23.75 17.89
N LEU A 345 2.85 -23.12 17.70
CA LEU A 345 3.91 -23.77 16.94
C LEU A 345 4.37 -25.12 17.56
N SER A 346 4.22 -25.27 18.88
CA SER A 346 4.59 -26.50 19.58
C SER A 346 3.64 -27.64 19.20
N ASN A 347 2.50 -27.32 18.57
CA ASN A 347 1.66 -28.38 17.98
C ASN A 347 2.12 -28.87 16.61
N TYR A 348 3.23 -28.31 16.09
CA TYR A 348 3.71 -28.63 14.73
C TYR A 348 5.16 -28.96 14.77
N LEU A 349 5.89 -28.29 15.64
CA LEU A 349 7.33 -28.41 15.61
C LEU A 349 7.81 -29.13 16.86
N THR A 350 8.58 -30.20 16.67
CA THR A 350 9.17 -30.94 17.78
C THR A 350 10.33 -30.13 18.39
N ASN A 351 11.03 -29.36 17.56
CA ASN A 351 12.18 -28.50 17.93
C ASN A 351 11.86 -27.06 18.41
N VAL A 352 10.69 -26.86 19.02
CA VAL A 352 10.17 -25.51 19.28
C VAL A 352 11.08 -24.56 20.09
N ASP A 353 12.06 -25.10 20.81
CA ASP A 353 12.94 -24.28 21.66
C ASP A 353 14.17 -23.74 20.97
N ASP A 354 14.46 -24.23 19.77
CA ASP A 354 15.57 -23.70 18.95
C ASP A 354 15.14 -22.52 18.06
N ILE A 355 13.87 -22.10 18.14
CA ILE A 355 13.38 -20.92 17.38
C ILE A 355 12.88 -19.79 18.25
N THR A 356 13.06 -18.57 17.73
CA THR A 356 12.47 -17.34 18.25
C THR A 356 11.28 -17.01 17.33
N LEU A 357 10.13 -16.72 17.92
CA LEU A 357 8.95 -16.30 17.17
C LEU A 357 8.53 -14.89 17.56
N VAL A 358 8.45 -14.00 16.57
CA VAL A 358 7.69 -12.77 16.79
C VAL A 358 6.21 -13.13 16.60
N PRO A 359 5.37 -13.01 17.68
CA PRO A 359 4.08 -13.67 17.66
C PRO A 359 2.89 -12.73 17.40
N GLY A 360 1.69 -13.30 17.29
CA GLY A 360 0.45 -12.55 17.40
C GLY A 360 -0.27 -12.69 16.08
N THR A 361 -0.65 -11.54 15.52
CA THR A 361 -1.43 -11.45 14.24
C THR A 361 -0.53 -11.61 13.01
N LEU A 362 0.77 -11.79 13.24
CA LEU A 362 1.69 -12.28 12.22
C LEU A 362 2.76 -13.06 12.91
N GLY A 363 3.49 -13.86 12.13
CA GLY A 363 4.62 -14.55 12.70
C GLY A 363 5.90 -14.31 11.94
N ARG A 364 6.98 -14.08 12.67
CA ARG A 364 8.31 -14.08 12.09
C ARG A 364 9.18 -15.01 12.93
N ILE A 365 9.84 -15.97 12.25
CA ILE A 365 10.65 -17.03 12.89
C ILE A 365 12.11 -16.86 12.50
N ARG A 366 13.01 -16.86 13.48
CA ARG A 366 14.42 -17.06 13.23
C ARG A 366 15.01 -18.04 14.28
N ALA A 367 16.31 -18.33 14.12
CA ALA A 367 17.00 -19.28 14.99
C ALA A 367 17.21 -18.60 16.33
N LYS A 368 16.89 -19.31 17.41
CA LYS A 368 17.23 -18.88 18.77
C LYS A 368 18.73 -18.56 18.88
N SER A 369 19.61 -19.40 18.31
CA SER A 369 21.04 -19.09 18.36
C SER A 369 21.71 -19.32 16.99
N ILE A 370 22.44 -18.31 16.50
CA ILE A 370 23.17 -18.43 15.19
C ILE A 370 24.36 -19.40 15.23
N ASN A 371 24.69 -19.89 16.43
CA ASN A 371 25.68 -20.99 16.61
C ASN A 371 25.07 -22.40 16.55
N ASN A 372 23.75 -22.49 16.31
CA ASN A 372 23.11 -23.79 16.03
C ASN A 372 23.10 -24.12 14.52
N SER A 373 24.08 -24.90 14.09
CA SER A 373 24.26 -25.23 12.68
C SER A 373 23.28 -26.31 12.17
N LYS A 374 22.42 -26.79 13.05
CA LYS A 374 21.39 -27.77 12.68
C LYS A 374 19.98 -27.18 12.61
N TYR A 375 19.87 -25.85 12.73
CA TYR A 375 18.61 -25.14 12.42
C TYR A 375 18.47 -25.10 10.89
N ASP A 376 17.35 -25.63 10.38
CA ASP A 376 17.06 -25.69 8.94
C ASP A 376 15.70 -25.04 8.61
N PRO A 377 15.73 -23.84 7.97
CA PRO A 377 14.46 -23.16 7.64
C PRO A 377 13.53 -24.05 6.77
N LYS A 378 14.12 -24.85 5.88
CA LYS A 378 13.38 -25.66 4.90
C LYS A 378 12.46 -26.63 5.60
N THR A 379 13.02 -27.36 6.57
CA THR A 379 12.25 -28.32 7.36
C THR A 379 11.27 -27.66 8.33
N ILE A 380 11.57 -26.44 8.77
CA ILE A 380 10.61 -25.68 9.57
C ILE A 380 9.38 -25.35 8.71
N ILE A 381 9.61 -24.76 7.54
CA ILE A 381 8.53 -24.47 6.57
C ILE A 381 7.68 -25.72 6.32
N ALA A 382 8.36 -26.82 5.97
CA ALA A 382 7.67 -28.09 5.65
C ALA A 382 6.85 -28.60 6.84
N ALA A 383 7.42 -28.54 8.04
CA ALA A 383 6.66 -28.94 9.23
C ALA A 383 5.46 -28.02 9.53
N LEU A 384 5.45 -26.81 8.92
CA LEU A 384 4.36 -25.87 9.15
C LEU A 384 3.36 -25.82 7.99
N THR A 385 3.53 -26.66 6.97
CA THR A 385 2.74 -26.53 5.72
C THR A 385 1.59 -27.53 5.61
N CYS A 386 0.38 -26.99 5.51
CA CYS A 386 -0.87 -27.75 5.34
C CYS A 386 -0.99 -28.97 6.27
N LYS A 387 -0.68 -28.77 7.55
CA LYS A 387 -0.66 -29.88 8.52
C LYS A 387 -1.99 -30.24 9.16
N LYS A 388 -2.82 -29.24 9.48
CA LYS A 388 -4.17 -29.44 10.05
C LYS A 388 -5.22 -29.01 9.03
N PRO A 389 -6.38 -29.70 8.94
CA PRO A 389 -7.38 -29.33 7.93
C PRO A 389 -7.80 -27.86 7.88
N ASP A 390 -7.89 -27.18 9.03
CA ASP A 390 -8.37 -25.80 8.99
C ASP A 390 -7.31 -24.76 9.38
N GLN A 391 -6.04 -25.13 9.17
CA GLN A 391 -4.85 -24.44 9.71
C GLN A 391 -5.06 -22.92 9.56
N HIS A 392 -4.86 -22.15 10.61
CA HIS A 392 -5.22 -20.73 10.52
C HIS A 392 -4.00 -19.77 10.31
N PHE A 393 -2.93 -20.32 9.77
CA PHE A 393 -1.80 -19.51 9.29
C PHE A 393 -1.17 -20.26 8.10
N LYS A 394 -0.28 -19.59 7.37
CA LYS A 394 0.38 -20.16 6.22
C LYS A 394 1.80 -19.64 6.29
N PRO A 395 2.78 -20.57 6.31
CA PRO A 395 4.18 -20.18 6.32
C PRO A 395 4.66 -19.79 4.90
N TYR A 396 5.57 -18.82 4.84
CA TYR A 396 6.22 -18.39 3.61
C TYR A 396 7.69 -18.10 3.87
N MET A 397 8.57 -18.44 2.93
CA MET A 397 9.82 -17.72 2.85
C MET A 397 9.36 -16.29 2.42
N LYS A 398 10.00 -15.26 2.96
CA LYS A 398 9.53 -13.89 2.80
C LYS A 398 9.44 -13.46 1.32
N GLN A 399 10.38 -13.92 0.51
CA GLN A 399 10.40 -13.64 -0.92
C GLN A 399 9.22 -14.25 -1.68
N HIS A 400 8.52 -15.21 -1.07
CA HIS A 400 7.30 -15.78 -1.65
C HIS A 400 5.98 -15.18 -1.19
N LEU A 401 6.01 -14.30 -0.20
CA LEU A 401 4.83 -13.52 0.15
C LEU A 401 4.29 -12.76 -1.10
N PRO A 402 2.95 -12.58 -1.18
CA PRO A 402 2.36 -11.70 -2.22
C PRO A 402 3.15 -10.42 -2.37
N LYS A 403 3.52 -10.12 -3.60
CA LYS A 403 4.33 -8.94 -3.91
C LYS A 403 3.62 -7.65 -3.52
N ARG A 404 2.27 -7.67 -3.49
CA ARG A 404 1.49 -6.47 -3.05
C ARG A 404 1.79 -6.02 -1.61
N LEU A 405 2.31 -6.94 -0.78
CA LEU A 405 2.66 -6.58 0.63
C LEU A 405 3.97 -5.83 0.74
N HIS A 406 4.82 -5.92 -0.29
CA HIS A 406 6.14 -5.30 -0.33
C HIS A 406 6.92 -5.54 1.01
N TYR A 407 6.95 -6.79 1.46
CA TYR A 407 7.45 -7.11 2.78
C TYR A 407 8.59 -8.15 2.77
N ALA A 408 9.75 -7.72 2.32
CA ALA A 408 10.84 -8.65 2.17
C ALA A 408 12.22 -8.02 2.20
N ASN A 409 12.37 -6.84 1.58
CA ASN A 409 13.68 -6.26 1.37
C ASN A 409 14.18 -5.46 2.59
N ASN A 410 14.32 -6.13 3.72
CA ASN A 410 14.91 -5.51 4.90
C ASN A 410 15.47 -6.61 5.79
N ARG A 411 16.73 -6.45 6.21
CA ARG A 411 17.39 -7.40 7.11
C ARG A 411 16.65 -7.58 8.45
N ARG A 412 15.71 -6.68 8.78
CA ARG A 412 14.93 -6.79 10.03
C ARG A 412 13.72 -7.71 9.84
N ILE A 413 13.49 -8.16 8.61
CA ILE A 413 12.36 -9.06 8.34
C ILE A 413 12.96 -10.44 8.19
N GLU A 414 12.54 -11.33 9.09
CA GLU A 414 13.03 -12.71 9.15
C GLU A 414 12.66 -13.47 7.89
N ASP A 415 13.54 -14.39 7.49
CA ASP A 415 13.31 -15.20 6.28
C ASP A 415 11.98 -15.95 6.33
N ILE A 416 11.57 -16.41 7.50
CA ILE A 416 10.35 -17.20 7.63
C ILE A 416 9.30 -16.28 8.23
N HIS A 417 8.15 -16.26 7.58
CA HIS A 417 7.03 -15.40 7.89
C HIS A 417 5.79 -16.26 7.94
N LEU A 418 4.88 -15.94 8.86
CA LEU A 418 3.56 -16.60 8.88
C LEU A 418 2.51 -15.57 8.62
N LEU A 419 1.71 -15.81 7.60
CA LEU A 419 0.55 -14.95 7.37
C LEU A 419 -0.59 -15.60 8.09
N VAL A 420 -1.16 -14.87 9.03
CA VAL A 420 -2.15 -15.38 9.97
C VAL A 420 -3.55 -15.05 9.49
N ASP A 421 -4.47 -16.02 9.56
CA ASP A 421 -5.87 -15.73 9.24
C ASP A 421 -6.45 -14.65 10.13
N ARG A 422 -7.33 -13.83 9.53
CA ARG A 422 -7.96 -12.75 10.28
C ARG A 422 -8.68 -13.46 11.43
N ARG A 423 -8.66 -12.84 12.61
CA ARG A 423 -9.37 -13.33 13.81
CA ARG A 423 -9.36 -13.32 13.83
C ARG A 423 -8.49 -14.26 14.66
N TRP A 424 -7.30 -14.59 14.16
CA TRP A 424 -6.41 -15.55 14.83
C TRP A 424 -5.09 -14.96 15.34
N HIS A 425 -4.44 -15.70 16.24
CA HIS A 425 -3.09 -15.45 16.73
C HIS A 425 -2.24 -16.69 16.48
N VAL A 426 -0.95 -16.50 16.29
CA VAL A 426 0.01 -17.59 16.37
C VAL A 426 0.88 -17.28 17.60
N ALA A 427 1.20 -18.33 18.35
CA ALA A 427 2.16 -18.26 19.47
C ALA A 427 3.07 -19.48 19.38
N ARG A 428 4.19 -19.45 20.10
CA ARG A 428 5.17 -20.53 20.11
C ARG A 428 4.69 -21.76 20.93
N LYS A 429 4.26 -21.51 22.17
CA LYS A 429 3.85 -22.54 23.18
CA LYS A 429 3.78 -22.56 23.09
C LYS A 429 2.66 -22.00 23.95
N PRO A 430 1.77 -22.89 24.47
CA PRO A 430 0.66 -22.34 25.27
C PRO A 430 1.04 -21.46 26.45
N LEU A 431 2.20 -21.70 27.08
CA LEU A 431 2.63 -20.92 28.26
C LEU A 431 2.66 -19.41 27.98
N ASP A 432 3.22 -19.03 26.83
CA ASP A 432 3.20 -17.64 26.28
C ASP A 432 1.86 -16.88 26.36
N VAL A 433 0.75 -17.58 26.07
CA VAL A 433 -0.58 -16.95 26.08
C VAL A 433 -1.14 -16.68 27.50
N TYR A 434 -1.24 -17.72 28.34
CA TYR A 434 -1.78 -17.56 29.72
C TYR A 434 -0.77 -17.03 30.78
N LYS A 435 0.50 -16.80 30.39
CA LYS A 435 1.52 -16.08 31.21
C LYS A 435 2.02 -14.77 30.49
N LYS A 436 1.12 -13.77 30.38
CA LYS A 436 1.42 -12.43 29.80
C LYS A 436 0.41 -11.38 30.32
N CYS A 441 -9.64 -14.30 29.44
CA CYS A 441 -8.85 -13.77 28.33
C CYS A 441 -8.68 -12.25 28.41
N PHE A 442 -7.46 -11.79 28.22
CA PHE A 442 -7.10 -10.36 28.34
C PHE A 442 -7.73 -9.44 27.26
N PHE A 443 -7.84 -9.91 26.02
CA PHE A 443 -8.09 -9.05 24.84
C PHE A 443 -9.22 -9.62 23.99
N GLN A 444 -9.95 -8.75 23.33
CA GLN A 444 -10.99 -9.17 22.41
C GLN A 444 -10.79 -8.60 20.99
N GLY A 445 -9.82 -7.69 20.83
CA GLY A 445 -9.52 -7.11 19.51
C GLY A 445 -8.02 -7.14 19.26
N ASP A 446 -7.62 -7.32 18.01
CA ASP A 446 -6.23 -7.09 17.61
C ASP A 446 -6.16 -6.70 16.13
N HIS A 447 -4.97 -6.38 15.63
CA HIS A 447 -4.80 -5.97 14.23
C HIS A 447 -3.40 -6.37 13.89
N GLY A 448 -3.01 -6.26 12.63
CA GLY A 448 -1.64 -6.64 12.22
C GLY A 448 -1.72 -7.50 10.96
N PHE A 449 -2.90 -8.04 10.69
CA PHE A 449 -3.19 -8.93 9.53
C PHE A 449 -2.91 -8.28 8.17
N ASP A 450 -2.89 -9.14 7.16
CA ASP A 450 -2.84 -8.79 5.75
C ASP A 450 -3.62 -7.48 5.48
N ASN A 451 -2.97 -6.54 4.78
CA ASN A 451 -3.62 -5.21 4.63
C ASN A 451 -4.77 -5.12 3.67
N LYS A 452 -5.10 -6.22 2.99
CA LYS A 452 -6.32 -6.23 2.20
C LYS A 452 -7.58 -6.58 3.02
N VAL A 453 -7.38 -6.99 4.28
CA VAL A 453 -8.50 -7.52 5.10
C VAL A 453 -9.41 -6.38 5.48
N ASN A 454 -10.71 -6.54 5.28
CA ASN A 454 -11.67 -5.48 5.51
C ASN A 454 -11.62 -4.87 6.88
N SER A 455 -11.54 -5.71 7.91
CA SER A 455 -11.46 -5.21 9.31
C SER A 455 -10.23 -4.34 9.57
N MET A 456 -9.19 -4.46 8.73
CA MET A 456 -7.98 -3.64 8.90
C MET A 456 -8.03 -2.26 8.23
N GLN A 457 -8.98 -2.04 7.33
CA GLN A 457 -9.14 -0.74 6.64
C GLN A 457 -9.40 0.37 7.63
N THR A 458 -8.94 1.57 7.27
CA THR A 458 -9.04 2.70 8.19
C THR A 458 -9.67 3.89 7.43
N VAL A 459 -9.54 5.09 7.95
CA VAL A 459 -10.30 6.21 7.45
C VAL A 459 -9.40 7.28 6.87
N PHE A 460 -9.97 8.04 5.95
CA PHE A 460 -9.42 9.33 5.50
C PHE A 460 -10.53 10.34 5.28
N VAL A 461 -10.37 11.52 5.91
CA VAL A 461 -11.20 12.68 5.57
C VAL A 461 -10.26 13.86 5.45
N GLY A 462 -10.41 14.64 4.37
CA GLY A 462 -9.72 15.95 4.26
C GLY A 462 -10.73 17.09 4.23
N TYR A 463 -10.46 18.11 5.02
CA TYR A 463 -11.35 19.24 5.09
C TYR A 463 -10.57 20.54 5.07
N GLY A 464 -10.95 21.45 4.17
CA GLY A 464 -10.31 22.76 4.15
C GLY A 464 -10.31 23.37 2.75
N PRO A 465 -9.72 24.57 2.61
CA PRO A 465 -9.69 25.32 1.33
C PRO A 465 -9.02 24.51 0.23
N THR A 466 -8.04 23.66 0.57
CA THR A 466 -7.26 22.97 -0.50
C THR A 466 -7.93 21.65 -0.92
N PHE A 467 -8.81 21.07 -0.05
CA PHE A 467 -9.57 19.84 -0.40
C PHE A 467 -10.84 20.19 -1.14
N LYS A 468 -11.37 19.24 -1.90
CA LYS A 468 -12.64 19.43 -2.58
C LYS A 468 -13.80 19.49 -1.59
N TYR A 469 -14.92 19.98 -2.08
CA TYR A 469 -16.10 20.17 -1.26
C TYR A 469 -17.11 19.04 -1.55
N ARG A 470 -17.68 18.47 -0.48
CA ARG A 470 -18.65 17.35 -0.54
C ARG A 470 -18.26 16.34 -1.59
N THR A 471 -17.03 15.86 -1.56
CA THR A 471 -16.57 14.92 -2.59
C THR A 471 -16.20 13.55 -1.99
N LYS A 472 -16.67 12.49 -2.62
CA LYS A 472 -16.24 11.16 -2.29
C LYS A 472 -15.18 10.78 -3.28
N VAL A 473 -14.08 10.20 -2.81
CA VAL A 473 -13.06 9.68 -3.70
C VAL A 473 -12.99 8.18 -3.47
N PRO A 474 -12.45 7.43 -4.45
CA PRO A 474 -12.28 5.98 -4.24
C PRO A 474 -11.24 5.65 -3.14
N PRO A 475 -11.29 4.41 -2.61
CA PRO A 475 -10.27 3.97 -1.64
C PRO A 475 -8.87 4.10 -2.23
N PHE A 476 -7.88 4.35 -1.40
CA PHE A 476 -6.54 4.50 -1.87
C PHE A 476 -5.66 4.08 -0.70
N GLU A 477 -4.35 3.94 -0.94
CA GLU A 477 -3.41 3.44 0.08
C GLU A 477 -2.75 4.56 0.83
N ASN A 478 -2.54 4.34 2.12
CA ASN A 478 -1.88 5.36 2.90
C ASN A 478 -0.45 5.79 2.47
N ILE A 479 0.26 4.96 1.71
CA ILE A 479 1.58 5.37 1.14
C ILE A 479 1.46 6.65 0.28
N GLU A 480 0.25 6.94 -0.23
CA GLU A 480 0.01 8.12 -1.10
C GLU A 480 -0.07 9.46 -0.38
N LEU A 481 -0.33 9.42 0.91
CA LEU A 481 -0.64 10.66 1.63
C LEU A 481 0.53 11.60 1.84
N TYR A 482 1.74 11.07 2.09
CA TYR A 482 2.93 11.95 2.27
C TYR A 482 3.06 12.99 1.14
N ASN A 483 2.90 12.51 -0.11
CA ASN A 483 2.91 13.41 -1.30
C ASN A 483 1.84 14.51 -1.16
N VAL A 484 0.63 14.15 -0.73
CA VAL A 484 -0.45 15.14 -0.58
C VAL A 484 -0.14 16.11 0.57
N MET A 485 0.41 15.62 1.68
CA MET A 485 0.75 16.53 2.78
C MET A 485 1.85 17.52 2.31
N CYS A 486 2.79 17.03 1.52
CA CYS A 486 3.80 17.89 0.87
C CYS A 486 3.16 18.92 -0.05
N ASP A 487 2.24 18.47 -0.94
CA ASP A 487 1.46 19.38 -1.79
C ASP A 487 0.74 20.46 -0.96
N LEU A 488 0.15 20.07 0.17
CA LEU A 488 -0.66 20.97 0.98
C LEU A 488 0.23 22.02 1.61
N LEU A 489 1.53 21.74 1.74
CA LEU A 489 2.45 22.64 2.41
C LEU A 489 3.39 23.34 1.44
N GLY A 490 3.22 23.09 0.15
CA GLY A 490 4.17 23.55 -0.88
C GLY A 490 5.54 22.93 -0.76
N LEU A 491 5.67 21.67 -0.31
CA LEU A 491 7.00 21.05 -0.16
C LEU A 491 7.26 20.10 -1.30
N LYS A 492 8.53 19.96 -1.66
CA LYS A 492 8.91 18.92 -2.57
C LYS A 492 9.11 17.65 -1.72
N PRO A 493 8.36 16.57 -2.02
CA PRO A 493 8.48 15.35 -1.22
C PRO A 493 9.80 14.64 -1.45
N ALA A 494 10.42 14.09 -0.41
CA ALA A 494 11.54 13.13 -0.57
C ALA A 494 11.13 11.90 -1.47
N PRO A 495 12.10 11.20 -2.10
CA PRO A 495 11.72 10.01 -2.89
C PRO A 495 10.90 9.01 -2.05
N ASN A 496 9.75 8.58 -2.56
CA ASN A 496 8.90 7.73 -1.74
C ASN A 496 8.08 6.80 -2.60
N ASN A 497 7.23 5.98 -1.99
CA ASN A 497 6.50 4.92 -2.72
C ASN A 497 5.10 5.33 -3.21
N GLY A 498 4.62 6.50 -2.80
CA GLY A 498 3.42 7.04 -3.46
C GLY A 498 3.66 7.26 -4.97
N THR A 499 2.58 7.42 -5.71
CA THR A 499 2.69 7.76 -7.12
C THR A 499 2.13 9.20 -7.15
N HIS A 500 3.02 10.16 -7.26
CA HIS A 500 2.67 11.58 -7.08
C HIS A 500 1.80 12.09 -8.26
N GLY A 501 0.57 12.49 -7.93
CA GLY A 501 -0.47 12.86 -8.87
C GLY A 501 -1.65 11.91 -8.87
N SER A 502 -1.47 10.71 -8.29
CA SER A 502 -2.55 9.76 -8.24
C SER A 502 -3.65 10.17 -7.27
N LEU A 503 -3.37 11.10 -6.33
CA LEU A 503 -4.41 11.71 -5.48
C LEU A 503 -4.74 13.17 -5.81
N ASN A 504 -4.40 13.63 -7.02
CA ASN A 504 -4.84 14.99 -7.48
C ASN A 504 -6.34 15.26 -7.35
N HIS A 505 -7.15 14.23 -7.56
CA HIS A 505 -8.61 14.36 -7.54
C HIS A 505 -9.18 14.54 -6.11
N LEU A 506 -8.32 14.55 -5.09
CA LEU A 506 -8.74 14.97 -3.74
C LEU A 506 -8.67 16.49 -3.57
N LEU A 507 -7.98 17.20 -4.47
CA LEU A 507 -7.58 18.58 -4.19
C LEU A 507 -8.27 19.59 -5.12
N ARG A 508 -8.70 20.72 -4.53
CA ARG A 508 -9.26 21.84 -5.27
C ARG A 508 -8.16 22.50 -6.09
N THR A 509 -6.97 22.69 -5.50
CA THR A 509 -5.81 23.32 -6.19
C THR A 509 -4.54 22.66 -5.61
N ASN A 510 -3.35 23.19 -5.92
CA ASN A 510 -2.03 22.67 -5.42
C ASN A 510 -1.70 21.29 -6.01
N THR A 511 -2.37 20.96 -7.11
CA THR A 511 -2.20 19.66 -7.73
C THR A 511 -0.72 19.55 -8.23
N PHE A 512 -0.24 18.33 -8.34
CA PHE A 512 1.09 18.13 -8.85
C PHE A 512 0.89 17.57 -10.25
N ARG A 513 1.53 18.16 -11.23
CA ARG A 513 1.20 17.85 -12.61
C ARG A 513 2.37 17.10 -13.22
N PRO A 514 2.37 15.77 -13.10
CA PRO A 514 3.58 15.05 -13.57
C PRO A 514 3.60 14.82 -15.10
N THR A 515 4.80 14.63 -15.67
CA THR A 515 4.91 14.18 -17.06
C THR A 515 5.15 12.66 -17.02
N MET A 516 4.78 11.99 -18.10
CA MET A 516 5.07 10.59 -18.27
C MET A 516 6.58 10.40 -18.36
N PRO A 517 7.10 9.32 -17.80
CA PRO A 517 8.56 9.18 -17.96
C PRO A 517 8.93 8.95 -19.43
N ASP A 518 10.10 9.44 -19.82
CA ASP A 518 10.53 9.27 -21.21
C ASP A 518 10.94 7.83 -21.47
N GLU A 519 10.62 7.32 -22.67
CA GLU A 519 11.01 5.97 -23.05
C GLU A 519 12.55 5.97 -23.19
N VAL A 520 13.23 4.93 -22.69
CA VAL A 520 14.68 4.92 -22.75
C VAL A 520 15.13 4.12 -23.98
N SER A 521 14.48 2.99 -24.25
CA SER A 521 14.90 2.21 -25.38
C SER A 521 13.84 2.23 -26.43
N ARG A 522 14.20 2.54 -27.66
CA ARG A 522 13.25 2.32 -28.74
C ARG A 522 13.32 0.89 -29.27
N PRO A 523 12.20 0.34 -29.73
CA PRO A 523 12.33 -1.03 -30.24
C PRO A 523 12.82 -1.08 -31.67
N ASN A 524 13.28 -2.26 -32.10
CA ASN A 524 13.41 -2.59 -33.52
C ASN A 524 12.11 -3.23 -33.98
N TYR A 525 11.87 -3.19 -35.28
CA TYR A 525 10.74 -3.85 -35.93
C TYR A 525 11.31 -4.81 -36.98
N PRO A 526 11.78 -6.00 -36.56
CA PRO A 526 12.41 -6.92 -37.51
C PRO A 526 11.41 -7.47 -38.54
N GLY A 527 11.84 -7.61 -39.80
CA GLY A 527 11.06 -8.33 -40.81
C GLY A 527 11.62 -9.72 -40.92
N ILE A 528 11.24 -10.43 -41.99
CA ILE A 528 11.70 -11.79 -42.20
C ILE A 528 13.17 -11.79 -42.63
N MET A 529 14.05 -12.37 -41.82
CA MET A 529 15.50 -12.23 -41.99
CA MET A 529 15.49 -12.23 -42.03
C MET A 529 16.26 -13.55 -41.91
N TYR A 530 15.56 -14.63 -41.58
CA TYR A 530 16.25 -15.91 -41.29
C TYR A 530 15.52 -17.03 -41.95
N LEU A 531 16.30 -17.97 -42.48
CA LEU A 531 15.74 -19.18 -43.05
C LEU A 531 15.59 -20.22 -41.97
N GLN A 532 14.50 -20.98 -42.12
CA GLN A 532 14.14 -22.14 -41.30
C GLN A 532 15.37 -22.98 -40.92
N SER A 533 16.12 -23.40 -41.94
CA SER A 533 17.26 -24.29 -41.73
C SER A 533 18.41 -23.66 -40.95
N GLU A 534 18.40 -22.34 -40.73
CA GLU A 534 19.43 -21.75 -39.83
C GLU A 534 19.18 -22.06 -38.36
N PHE A 535 18.01 -22.58 -38.04
CA PHE A 535 17.68 -22.84 -36.64
C PHE A 535 18.03 -24.27 -36.23
N ASP A 536 18.93 -24.41 -35.25
CA ASP A 536 19.15 -25.72 -34.70
C ASP A 536 18.81 -25.74 -33.22
N LEU A 537 17.52 -25.92 -32.94
CA LEU A 537 16.99 -25.63 -31.63
C LEU A 537 16.46 -26.90 -31.02
N GLY A 538 16.41 -27.97 -31.84
CA GLY A 538 15.83 -29.25 -31.44
C GLY A 538 14.32 -29.16 -31.30
N CYS A 539 13.76 -28.15 -31.96
CA CYS A 539 12.31 -27.90 -31.90
C CYS A 539 11.70 -28.57 -33.11
N THR A 540 10.46 -29.03 -32.97
CA THR A 540 9.75 -29.65 -34.07
C THR A 540 8.31 -29.16 -34.13
N CYS A 541 7.79 -29.09 -35.35
CA CYS A 541 6.40 -28.78 -35.54
C CYS A 541 5.85 -29.41 -36.82
N ASP A 542 4.77 -30.15 -36.64
CA ASP A 542 4.02 -30.74 -37.73
C ASP A 542 3.15 -29.63 -38.38
N ASP A 543 3.76 -28.81 -39.26
CA ASP A 543 3.07 -27.66 -39.90
C ASP A 543 3.19 -27.53 -41.41
N ASN A 549 -2.39 -19.81 -51.73
CA ASN A 549 -3.42 -18.85 -52.11
C ASN A 549 -2.90 -17.41 -52.01
N LYS A 550 -3.31 -16.56 -52.95
CA LYS A 550 -2.88 -15.14 -52.96
C LYS A 550 -3.76 -14.11 -52.18
N LEU A 551 -5.06 -14.41 -52.01
CA LEU A 551 -5.98 -13.59 -51.15
C LEU A 551 -5.39 -13.43 -49.72
N GLU A 552 -5.19 -14.57 -49.03
CA GLU A 552 -4.72 -14.63 -47.63
C GLU A 552 -3.18 -14.77 -47.44
N GLU A 553 -2.42 -14.60 -48.53
CA GLU A 553 -0.95 -14.40 -48.44
C GLU A 553 -0.60 -12.95 -48.18
N LEU A 554 -1.31 -12.02 -48.84
CA LEU A 554 -1.17 -10.58 -48.58
C LEU A 554 -1.71 -10.26 -47.17
N ASN A 555 -2.79 -10.96 -46.82
CA ASN A 555 -3.43 -10.89 -45.52
C ASN A 555 -2.50 -11.25 -44.34
N LYS A 556 -1.80 -12.39 -44.42
CA LYS A 556 -0.85 -12.81 -43.36
C LYS A 556 0.35 -11.85 -43.21
N ARG A 557 0.83 -11.32 -44.35
CA ARG A 557 1.88 -10.28 -44.40
C ARG A 557 1.48 -8.96 -43.71
N LEU A 558 0.23 -8.52 -43.93
CA LEU A 558 -0.31 -7.28 -43.31
C LEU A 558 -0.52 -7.42 -41.79
N HIS A 559 -0.85 -8.64 -41.36
CA HIS A 559 -0.92 -9.05 -39.96
C HIS A 559 0.47 -8.97 -39.29
N THR A 560 1.47 -9.52 -39.97
CA THR A 560 2.89 -9.37 -39.59
C THR A 560 3.41 -7.92 -39.64
N LYS A 561 2.82 -7.03 -40.48
CA LYS A 561 3.17 -5.57 -40.48
C LYS A 561 2.41 -4.78 -39.42
N GLY A 562 1.37 -5.39 -38.85
CA GLY A 562 0.67 -4.82 -37.71
C GLY A 562 -0.71 -4.24 -37.98
N SER A 563 -1.48 -4.89 -38.88
CA SER A 563 -2.83 -4.41 -39.27
C SER A 563 -3.93 -4.52 -38.18
N THR A 564 -3.87 -5.60 -37.39
CA THR A 564 -4.76 -5.76 -36.23
C THR A 564 -4.16 -5.12 -34.96
N LYS A 565 -3.05 -4.39 -35.06
CA LYS A 565 -2.37 -3.86 -33.84
C LYS A 565 -3.24 -2.90 -32.97
N GLU A 566 -4.23 -2.25 -33.60
CA GLU A 566 -5.14 -1.32 -32.95
C GLU A 566 -6.20 -2.08 -32.12
N ARG A 567 -6.41 -3.34 -32.47
CA ARG A 567 -7.31 -4.26 -31.78
C ARG A 567 -6.60 -4.80 -30.51
N HIS A 568 -5.31 -5.15 -30.64
CA HIS A 568 -4.61 -5.83 -29.55
C HIS A 568 -3.75 -4.99 -28.66
N LEU A 569 -3.38 -3.83 -29.15
CA LEU A 569 -2.69 -2.86 -28.37
C LEU A 569 -3.53 -1.58 -28.14
N LEU A 570 -4.44 -1.61 -27.16
CA LEU A 570 -5.48 -0.56 -27.02
C LEU A 570 -5.01 0.73 -26.41
N TYR A 571 -3.93 0.68 -25.63
CA TYR A 571 -3.50 1.82 -24.83
C TYR A 571 -2.10 2.23 -25.18
N GLY A 572 -1.68 1.88 -26.39
CA GLY A 572 -0.32 2.21 -26.83
C GLY A 572 0.60 1.09 -26.41
N ARG A 573 1.81 1.08 -26.94
CA ARG A 573 2.74 0.05 -26.48
C ARG A 573 3.38 0.54 -25.16
N PRO A 574 3.70 -0.37 -24.24
CA PRO A 574 4.41 0.02 -23.02
C PRO A 574 5.74 0.66 -23.35
N ALA A 575 6.15 1.65 -22.58
CA ALA A 575 7.46 2.26 -22.78
C ALA A 575 8.44 1.48 -21.94
N VAL A 576 9.58 1.19 -22.53
CA VAL A 576 10.71 0.58 -21.83
C VAL A 576 11.57 1.67 -21.24
N LEU A 577 11.64 1.70 -19.91
CA LEU A 577 12.31 2.78 -19.20
C LEU A 577 13.72 2.46 -18.75
N TYR A 578 14.40 1.50 -19.37
CA TYR A 578 15.81 1.25 -19.09
C TYR A 578 16.44 0.91 -20.45
N ARG A 579 17.77 0.82 -20.49
CA ARG A 579 18.54 0.57 -21.73
C ARG A 579 18.58 -0.91 -22.03
N THR A 580 18.04 -1.31 -23.17
CA THR A 580 18.02 -2.74 -23.46
C THR A 580 17.78 -2.86 -24.94
N SER A 581 17.78 -4.09 -25.45
CA SER A 581 17.62 -4.35 -26.86
CA SER A 581 17.59 -4.32 -26.87
C SER A 581 16.37 -5.18 -27.07
N TYR A 582 15.38 -4.63 -27.76
CA TYR A 582 14.16 -5.41 -27.93
C TYR A 582 13.50 -5.19 -29.27
N ASP A 583 12.61 -6.12 -29.63
CA ASP A 583 11.83 -6.09 -30.85
C ASP A 583 10.34 -6.05 -30.65
N ILE A 584 9.63 -5.31 -31.49
CA ILE A 584 8.17 -5.45 -31.54
C ILE A 584 7.85 -6.51 -32.57
N LEU A 585 7.01 -7.45 -32.19
CA LEU A 585 6.58 -8.55 -33.04
C LEU A 585 5.07 -8.49 -33.16
N TYR A 586 4.59 -8.32 -34.39
CA TYR A 586 3.16 -8.30 -34.70
C TYR A 586 2.62 -9.65 -35.13
N HIS A 587 1.38 -9.92 -34.77
CA HIS A 587 0.71 -11.14 -35.21
C HIS A 587 -0.78 -10.80 -35.28
N THR A 588 -1.54 -11.69 -35.90
CA THR A 588 -3.00 -11.55 -36.05
C THR A 588 -3.69 -11.32 -34.72
N ASP A 589 -3.37 -12.18 -33.76
CA ASP A 589 -4.04 -12.21 -32.42
C ASP A 589 -3.34 -11.49 -31.22
N PHE A 590 -2.08 -11.10 -31.41
CA PHE A 590 -1.28 -10.55 -30.31
C PHE A 590 -0.07 -9.81 -30.81
N GLU A 591 0.36 -8.87 -29.99
CA GLU A 591 1.57 -8.09 -30.22
CA GLU A 591 1.57 -8.11 -30.25
C GLU A 591 2.51 -8.29 -29.03
N SER A 592 3.81 -8.28 -29.26
CA SER A 592 4.75 -8.48 -28.15
C SER A 592 5.99 -7.65 -28.29
N GLY A 593 6.63 -7.36 -27.15
CA GLY A 593 7.89 -6.66 -27.15
C GLY A 593 8.89 -7.71 -26.68
N TYR A 594 9.69 -8.23 -27.61
CA TYR A 594 10.54 -9.40 -27.38
C TYR A 594 11.97 -8.98 -26.99
N SER A 595 12.45 -9.45 -25.85
CA SER A 595 13.76 -9.04 -25.37
C SER A 595 14.86 -9.97 -25.94
N GLU A 596 15.77 -9.40 -26.72
CA GLU A 596 16.98 -10.12 -27.16
C GLU A 596 17.98 -10.45 -26.04
N ILE A 597 17.89 -9.73 -24.93
CA ILE A 597 18.72 -10.02 -23.77
C ILE A 597 18.13 -11.21 -22.98
N PHE A 598 16.84 -11.20 -22.65
CA PHE A 598 16.28 -12.24 -21.79
C PHE A 598 15.66 -13.38 -22.61
N LEU A 599 15.75 -13.29 -23.95
CA LEU A 599 15.27 -14.31 -24.89
C LEU A 599 13.76 -14.66 -24.75
N MET A 600 12.95 -13.65 -24.44
CA MET A 600 11.53 -13.84 -24.28
C MET A 600 10.84 -12.49 -24.26
N PRO A 601 9.50 -12.48 -24.40
CA PRO A 601 8.84 -11.17 -24.33
C PRO A 601 8.93 -10.53 -22.95
N LEU A 602 9.04 -9.21 -22.95
CA LEU A 602 8.86 -8.43 -21.75
C LEU A 602 7.38 -8.26 -21.50
N TRP A 603 6.61 -8.28 -22.59
CA TRP A 603 5.18 -8.06 -22.52
C TRP A 603 4.61 -8.63 -23.79
N THR A 604 3.39 -9.13 -23.65
CA THR A 604 2.55 -9.66 -24.75
C THR A 604 1.16 -9.09 -24.54
N SER A 605 0.59 -8.49 -25.60
CA SER A 605 -0.67 -7.77 -25.54
C SER A 605 -1.69 -8.36 -26.51
N TYR A 606 -2.87 -8.67 -25.99
CA TYR A 606 -3.97 -9.17 -26.83
C TYR A 606 -5.36 -8.83 -26.28
N THR A 607 -6.30 -8.65 -27.18
CA THR A 607 -7.69 -8.41 -26.81
C THR A 607 -8.57 -9.62 -27.13
N ILE A 608 -9.46 -9.94 -26.17
CA ILE A 608 -10.44 -11.05 -26.23
C ILE A 608 -11.83 -10.43 -26.09
N SER A 609 -12.58 -10.38 -27.19
CA SER A 609 -13.92 -9.83 -27.13
C SER A 609 -14.88 -10.80 -26.36
N LYS A 610 -16.02 -10.28 -25.92
CA LYS A 610 -17.11 -11.09 -25.37
C LYS A 610 -17.51 -12.27 -26.28
N GLN A 611 -17.54 -12.04 -27.59
CA GLN A 611 -17.88 -13.04 -28.63
C GLN A 611 -16.90 -14.22 -28.76
N ALA A 612 -15.60 -13.99 -28.47
CA ALA A 612 -14.51 -14.95 -28.73
C ALA A 612 -14.79 -16.34 -28.23
N GLU A 613 -14.14 -17.31 -28.84
CA GLU A 613 -14.34 -18.71 -28.53
C GLU A 613 -13.00 -19.41 -28.24
N VAL A 614 -13.04 -20.23 -27.21
CA VAL A 614 -11.94 -21.10 -26.81
C VAL A 614 -11.95 -22.28 -27.79
N SER A 615 -10.81 -22.50 -28.44
CA SER A 615 -10.58 -23.78 -29.13
C SER A 615 -9.52 -24.54 -28.37
N SER A 616 -9.35 -25.82 -28.68
CA SER A 616 -8.30 -26.58 -28.05
C SER A 616 -7.02 -26.52 -28.92
N ILE A 617 -5.90 -26.90 -28.32
CA ILE A 617 -4.66 -27.22 -29.04
C ILE A 617 -4.91 -28.55 -29.78
N PRO A 618 -4.88 -28.55 -31.14
CA PRO A 618 -4.95 -29.79 -31.94
C PRO A 618 -3.73 -30.70 -31.69
N GLU A 619 -3.88 -32.00 -31.92
CA GLU A 619 -2.80 -32.98 -31.60
C GLU A 619 -1.55 -32.93 -32.47
N HIS A 620 -1.72 -32.64 -33.76
CA HIS A 620 -0.57 -32.44 -34.65
C HIS A 620 0.36 -31.30 -34.14
N LEU A 621 -0.19 -30.46 -33.25
CA LEU A 621 0.51 -29.32 -32.67
C LEU A 621 0.87 -29.40 -31.17
N THR A 622 0.72 -30.57 -30.53
CA THR A 622 0.88 -30.64 -29.05
C THR A 622 2.25 -30.14 -28.57
N ASN A 623 3.32 -30.63 -29.17
CA ASN A 623 4.68 -30.22 -28.79
C ASN A 623 5.33 -29.37 -29.88
N CYS A 624 4.49 -28.74 -30.69
CA CYS A 624 4.97 -27.83 -31.71
C CYS A 624 5.62 -26.57 -31.10
N VAL A 625 6.87 -26.31 -31.50
CA VAL A 625 7.52 -25.05 -31.23
C VAL A 625 8.12 -24.69 -32.58
N ARG A 626 7.84 -23.46 -33.06
CA ARG A 626 8.26 -23.02 -34.42
C ARG A 626 9.30 -21.90 -34.35
N PRO A 627 10.39 -21.99 -35.15
CA PRO A 627 11.33 -20.86 -35.24
C PRO A 627 10.65 -19.59 -35.73
N ASP A 628 11.06 -18.44 -35.19
CA ASP A 628 10.51 -17.18 -35.63
C ASP A 628 11.52 -16.55 -36.59
N VAL A 629 11.17 -16.58 -37.86
CA VAL A 629 12.05 -16.11 -38.95
C VAL A 629 12.42 -14.60 -38.89
N ARG A 630 11.83 -13.86 -37.95
CA ARG A 630 12.23 -12.46 -37.72
C ARG A 630 13.32 -12.37 -36.65
N VAL A 631 13.64 -13.46 -35.97
CA VAL A 631 14.53 -13.32 -34.79
C VAL A 631 15.66 -14.34 -34.90
N SER A 632 16.92 -13.92 -34.77
CA SER A 632 18.03 -14.86 -35.00
C SER A 632 18.01 -16.07 -34.08
N PRO A 633 18.55 -17.22 -34.57
CA PRO A 633 18.77 -18.37 -33.72
C PRO A 633 19.44 -17.96 -32.42
N GLY A 634 20.41 -17.05 -32.51
CA GLY A 634 21.23 -16.62 -31.37
C GLY A 634 20.48 -15.84 -30.31
N PHE A 635 19.34 -15.23 -30.67
CA PHE A 635 18.47 -14.53 -29.72
C PHE A 635 17.19 -15.33 -29.44
N SER A 636 17.26 -16.64 -29.65
CA SER A 636 16.08 -17.51 -29.47
C SER A 636 16.30 -18.49 -28.35
N GLN A 637 15.21 -18.97 -27.77
CA GLN A 637 15.27 -20.11 -26.88
C GLN A 637 15.43 -21.38 -27.73
N ASN A 638 15.64 -22.53 -27.11
CA ASN A 638 15.73 -23.78 -27.87
C ASN A 638 15.04 -24.86 -27.07
N CYS A 639 14.43 -25.82 -27.77
CA CYS A 639 13.69 -26.92 -27.16
C CYS A 639 14.55 -27.88 -26.39
N LEU A 640 15.78 -28.04 -26.83
CA LEU A 640 16.71 -28.99 -26.20
C LEU A 640 16.98 -28.70 -24.75
N ALA A 641 17.16 -27.44 -24.40
CA ALA A 641 17.42 -27.05 -23.02
C ALA A 641 16.25 -27.48 -22.16
N TYR A 642 15.02 -27.38 -22.69
CA TYR A 642 13.82 -27.85 -21.96
C TYR A 642 13.78 -29.37 -21.84
N LYS A 643 14.25 -30.07 -22.85
CA LYS A 643 14.26 -31.52 -22.82
C LYS A 643 15.30 -31.95 -21.78
N ASN A 644 16.50 -31.41 -21.91
CA ASN A 644 17.51 -31.63 -20.90
C ASN A 644 17.12 -31.30 -19.47
N ASP A 645 16.41 -30.19 -19.26
CA ASP A 645 16.08 -29.73 -17.91
C ASP A 645 14.90 -30.52 -17.39
N LYS A 646 15.19 -31.47 -16.51
CA LYS A 646 14.14 -32.31 -15.97
C LYS A 646 13.16 -31.57 -15.05
N GLN A 647 13.50 -30.42 -14.50
CA GLN A 647 12.55 -29.68 -13.62
C GLN A 647 11.66 -28.68 -14.41
N MET A 648 12.14 -28.23 -15.56
CA MET A 648 11.60 -27.03 -16.18
C MET A 648 10.83 -27.38 -17.44
N SER A 649 9.60 -26.88 -17.59
CA SER A 649 8.89 -27.05 -18.85
C SER A 649 8.70 -25.64 -19.47
N TYR A 650 7.77 -25.46 -20.40
CA TYR A 650 7.52 -24.19 -21.01
C TYR A 650 6.04 -23.95 -21.17
N GLY A 651 5.64 -22.67 -21.17
CA GLY A 651 4.29 -22.25 -21.52
C GLY A 651 4.36 -21.15 -22.57
N PHE A 652 3.23 -20.53 -22.85
CA PHE A 652 3.11 -19.47 -23.85
C PHE A 652 2.44 -18.28 -23.24
N LEU A 653 2.82 -17.08 -23.68
CA LEU A 653 2.23 -15.87 -23.12
C LEU A 653 0.93 -15.55 -23.82
N PHE A 654 0.92 -15.52 -25.15
CA PHE A 654 -0.39 -15.57 -25.83
C PHE A 654 -0.92 -17.01 -25.83
N PRO A 655 -2.10 -17.26 -25.22
CA PRO A 655 -2.61 -18.65 -25.14
C PRO A 655 -3.09 -19.19 -26.51
N PRO A 656 -2.51 -20.32 -26.96
CA PRO A 656 -3.05 -20.97 -28.17
C PRO A 656 -4.58 -21.24 -28.13
N TYR A 657 -5.15 -21.44 -26.94
CA TYR A 657 -6.57 -21.73 -26.78
C TYR A 657 -7.43 -20.62 -27.32
N LEU A 658 -6.89 -19.43 -27.41
CA LEU A 658 -7.71 -18.28 -27.78
C LEU A 658 -7.38 -17.68 -29.15
N SER A 659 -6.68 -18.46 -29.97
CA SER A 659 -6.39 -18.06 -31.36
C SER A 659 -7.68 -17.81 -32.18
N SER A 660 -7.63 -16.87 -33.11
CA SER A 660 -8.86 -16.46 -33.81
C SER A 660 -9.28 -17.39 -34.95
N SER A 661 -8.34 -18.17 -35.47
CA SER A 661 -8.60 -19.10 -36.58
C SER A 661 -7.56 -20.22 -36.49
N PRO A 662 -7.83 -21.40 -37.12
CA PRO A 662 -6.79 -22.41 -37.10
C PRO A 662 -5.50 -21.91 -37.74
N GLU A 663 -5.58 -21.03 -38.73
CA GLU A 663 -4.35 -20.51 -39.34
C GLU A 663 -3.52 -19.64 -38.36
N ALA A 664 -4.20 -18.71 -37.69
CA ALA A 664 -3.57 -17.84 -36.68
C ALA A 664 -2.97 -18.64 -35.51
N LYS A 665 -3.54 -19.80 -35.20
CA LYS A 665 -3.03 -20.62 -34.11
C LYS A 665 -1.53 -20.96 -34.21
N TYR A 666 -1.02 -21.14 -35.43
CA TYR A 666 0.43 -21.36 -35.66
C TYR A 666 1.32 -20.28 -35.03
N ASP A 667 0.87 -19.02 -35.07
CA ASP A 667 1.62 -17.92 -34.46
C ASP A 667 1.87 -18.13 -32.99
N ALA A 668 0.96 -18.83 -32.30
CA ALA A 668 1.02 -18.99 -30.84
C ALA A 668 2.10 -19.98 -30.46
N PHE A 669 2.54 -20.78 -31.44
CA PHE A 669 3.57 -21.77 -31.17
C PHE A 669 4.97 -21.29 -31.55
N LEU A 670 5.10 -20.01 -31.88
CA LEU A 670 6.41 -19.42 -32.16
C LEU A 670 7.29 -19.48 -30.94
N VAL A 671 8.59 -19.73 -31.17
CA VAL A 671 9.57 -19.87 -30.07
C VAL A 671 9.67 -18.55 -29.32
N THR A 672 9.22 -17.47 -29.97
CA THR A 672 9.26 -16.14 -29.40
C THR A 672 8.05 -15.82 -28.48
N ASN A 673 7.10 -16.74 -28.36
CA ASN A 673 5.95 -16.61 -27.50
C ASN A 673 6.11 -17.58 -26.29
N MET A 674 7.22 -18.31 -26.25
CA MET A 674 7.49 -19.37 -25.29
CA MET A 674 7.39 -19.34 -25.25
C MET A 674 8.19 -18.79 -24.07
N VAL A 675 7.85 -19.32 -22.88
CA VAL A 675 8.52 -18.93 -21.61
C VAL A 675 8.73 -20.14 -20.71
N PRO A 676 9.76 -20.12 -19.82
CA PRO A 676 9.98 -21.25 -18.94
C PRO A 676 8.96 -21.30 -17.83
N MET A 677 8.40 -22.51 -17.66
CA MET A 677 7.38 -22.79 -16.63
C MET A 677 7.57 -24.16 -16.01
N TYR A 678 7.56 -24.20 -14.68
CA TYR A 678 7.57 -25.44 -13.96
C TYR A 678 6.25 -26.12 -14.21
N PRO A 679 6.25 -27.47 -14.30
CA PRO A 679 4.98 -28.23 -14.43
C PRO A 679 3.95 -27.83 -13.41
N ALA A 680 4.35 -27.61 -12.15
CA ALA A 680 3.36 -27.26 -11.13
C ALA A 680 2.75 -25.91 -11.44
N PHE A 681 3.54 -24.98 -12.00
CA PHE A 681 2.99 -23.68 -12.36
C PHE A 681 2.15 -23.69 -13.65
N LYS A 682 2.43 -24.61 -14.56
CA LYS A 682 1.62 -24.78 -15.78
C LYS A 682 0.15 -25.10 -15.48
N ARG A 683 -0.08 -25.84 -14.41
CA ARG A 683 -1.44 -26.09 -13.91
C ARG A 683 -2.16 -24.79 -13.68
N VAL A 684 -1.49 -23.86 -12.98
CA VAL A 684 -2.04 -22.54 -12.70
C VAL A 684 -2.32 -21.78 -14.01
N TRP A 685 -1.28 -21.71 -14.84
CA TRP A 685 -1.23 -20.86 -16.02
C TRP A 685 -2.26 -21.31 -17.08
N ALA A 686 -2.28 -22.60 -17.32
CA ALA A 686 -3.25 -23.21 -18.26
C ALA A 686 -4.73 -22.92 -17.88
N TYR A 687 -5.03 -23.03 -16.58
CA TYR A 687 -6.39 -22.73 -16.15
C TYR A 687 -6.74 -21.26 -16.32
N PHE A 688 -5.79 -20.39 -15.99
CA PHE A 688 -5.96 -18.96 -16.20
C PHE A 688 -6.25 -18.69 -17.69
N GLN A 689 -5.42 -19.23 -18.56
CA GLN A 689 -5.52 -18.96 -20.00
C GLN A 689 -6.74 -19.62 -20.69
N ARG A 690 -6.99 -20.89 -20.37
CA ARG A 690 -8.04 -21.70 -21.00
C ARG A 690 -9.44 -21.33 -20.51
N VAL A 691 -9.58 -21.11 -19.20
CA VAL A 691 -10.88 -20.85 -18.55
C VAL A 691 -11.06 -19.39 -18.10
N LEU A 692 -10.14 -18.88 -17.29
CA LEU A 692 -10.41 -17.56 -16.69
C LEU A 692 -10.47 -16.37 -17.64
N VAL A 693 -9.56 -16.33 -18.61
CA VAL A 693 -9.57 -15.20 -19.57
C VAL A 693 -10.92 -15.05 -20.29
N LYS A 694 -11.48 -16.19 -20.73
CA LYS A 694 -12.78 -16.18 -21.38
C LYS A 694 -13.86 -15.72 -20.38
N LYS A 695 -13.76 -16.21 -19.14
CA LYS A 695 -14.72 -15.83 -18.11
C LYS A 695 -14.70 -14.33 -17.89
N TYR A 696 -13.50 -13.74 -17.79
CA TYR A 696 -13.44 -12.28 -17.63
C TYR A 696 -13.98 -11.55 -18.85
N ALA A 697 -13.67 -12.03 -20.05
CA ALA A 697 -14.21 -11.42 -21.27
C ALA A 697 -15.77 -11.39 -21.29
N SER A 698 -16.43 -12.49 -20.89
CA SER A 698 -17.92 -12.53 -20.82
CA SER A 698 -17.91 -12.53 -20.82
C SER A 698 -18.48 -11.57 -19.76
N GLU A 699 -17.94 -11.66 -18.55
CA GLU A 699 -18.31 -10.77 -17.45
C GLU A 699 -17.99 -9.33 -17.71
N ARG A 700 -16.94 -9.00 -18.46
CA ARG A 700 -16.53 -7.59 -18.54
C ARG A 700 -16.77 -6.93 -19.89
N ASN A 701 -17.34 -7.70 -20.82
CA ASN A 701 -17.57 -7.23 -22.19
C ASN A 701 -16.26 -6.95 -22.97
N GLY A 702 -15.49 -8.01 -23.11
CA GLY A 702 -14.16 -7.95 -23.70
C GLY A 702 -13.17 -7.63 -22.58
N VAL A 703 -11.96 -8.17 -22.73
CA VAL A 703 -10.79 -7.73 -21.96
C VAL A 703 -9.57 -7.57 -22.85
N ASN A 704 -8.80 -6.54 -22.51
CA ASN A 704 -7.42 -6.50 -22.99
C ASN A 704 -6.47 -7.13 -21.92
N VAL A 705 -5.62 -8.05 -22.39
CA VAL A 705 -4.60 -8.66 -21.52
C VAL A 705 -3.16 -8.30 -21.91
N ILE A 706 -2.34 -7.89 -20.94
CA ILE A 706 -0.88 -7.77 -21.14
C ILE A 706 -0.27 -8.70 -20.10
N SER A 707 0.46 -9.72 -20.59
CA SER A 707 1.13 -10.67 -19.73
C SER A 707 2.60 -10.62 -19.97
N GLY A 708 3.37 -11.10 -19.00
CA GLY A 708 4.80 -11.20 -19.19
C GLY A 708 5.50 -11.80 -17.98
N PRO A 709 6.82 -11.89 -18.05
CA PRO A 709 7.58 -12.46 -16.95
C PRO A 709 8.08 -11.35 -16.02
N ILE A 710 8.44 -11.72 -14.80
CA ILE A 710 9.09 -10.79 -13.85
C ILE A 710 10.29 -11.50 -13.25
N PHE A 711 11.40 -10.78 -13.07
CA PHE A 711 12.60 -11.33 -12.47
C PHE A 711 12.89 -10.47 -11.25
N ASP A 712 12.66 -11.03 -10.08
CA ASP A 712 12.97 -10.33 -8.86
C ASP A 712 13.72 -11.25 -7.85
N TYR A 713 14.89 -11.72 -8.26
CA TYR A 713 15.72 -12.59 -7.43
C TYR A 713 16.19 -11.99 -6.11
N ASN A 714 16.34 -10.66 -6.03
CA ASN A 714 16.81 -10.07 -4.75
C ASN A 714 15.63 -9.47 -3.97
N TYR A 715 14.40 -9.81 -4.39
CA TYR A 715 13.14 -9.46 -3.73
C TYR A 715 13.09 -8.00 -3.26
N ASP A 716 13.50 -7.08 -4.14
CA ASP A 716 13.49 -5.63 -3.75
C ASP A 716 12.31 -4.88 -4.39
N GLY A 717 11.54 -5.62 -5.19
CA GLY A 717 10.35 -5.09 -5.85
C GLY A 717 10.68 -4.38 -7.12
N LEU A 718 11.94 -4.44 -7.54
CA LEU A 718 12.43 -3.78 -8.71
C LEU A 718 12.97 -4.77 -9.75
N ARG A 719 12.78 -4.42 -11.02
CA ARG A 719 13.29 -5.18 -12.11
C ARG A 719 14.76 -5.58 -11.84
N ASP A 720 15.10 -6.85 -11.94
CA ASP A 720 16.49 -7.28 -11.95
C ASP A 720 17.18 -6.95 -13.27
N THR A 721 18.44 -6.56 -13.18
CA THR A 721 19.34 -6.52 -14.35
C THR A 721 19.79 -7.96 -14.59
N GLU A 722 20.40 -8.24 -15.74
CA GLU A 722 20.72 -9.64 -16.10
C GLU A 722 21.72 -10.33 -15.16
N ASP A 723 22.60 -9.56 -14.53
CA ASP A 723 23.58 -10.14 -13.64
C ASP A 723 23.01 -10.47 -12.24
N GLU A 724 21.71 -10.25 -12.02
CA GLU A 724 21.03 -10.58 -10.76
C GLU A 724 20.29 -11.94 -10.80
N ILE A 725 20.24 -12.52 -11.99
CA ILE A 725 19.47 -13.73 -12.24
C ILE A 725 20.16 -14.95 -11.68
N LYS A 726 19.45 -15.67 -10.81
CA LYS A 726 20.04 -16.79 -10.10
C LYS A 726 19.79 -18.13 -10.75
N GLN A 727 18.93 -18.20 -11.75
CA GLN A 727 18.51 -19.52 -12.30
C GLN A 727 18.21 -19.42 -13.80
N TYR A 728 18.71 -20.40 -14.54
CA TYR A 728 18.59 -20.49 -16.00
C TYR A 728 18.03 -21.87 -16.32
N VAL A 729 17.45 -22.04 -17.50
CA VAL A 729 17.04 -23.34 -17.92
C VAL A 729 18.34 -24.11 -18.19
N GLU A 730 18.42 -25.33 -17.67
CA GLU A 730 19.65 -26.14 -17.69
C GLU A 730 20.43 -26.05 -18.96
N GLY A 731 21.64 -25.52 -18.82
CA GLY A 731 22.63 -25.53 -19.85
C GLY A 731 22.42 -24.49 -20.92
N SER A 732 21.66 -23.43 -20.61
CA SER A 732 21.29 -22.43 -21.58
C SER A 732 21.41 -21.07 -20.97
N SER A 733 21.18 -20.07 -21.79
CA SER A 733 21.12 -18.70 -21.28
C SER A 733 19.68 -18.21 -21.07
N ILE A 734 18.72 -19.13 -20.97
CA ILE A 734 17.31 -18.76 -20.77
C ILE A 734 17.07 -18.50 -19.28
N PRO A 735 16.80 -17.24 -18.89
CA PRO A 735 16.66 -16.95 -17.47
C PRO A 735 15.24 -17.36 -17.00
N VAL A 736 15.09 -17.74 -15.73
CA VAL A 736 13.84 -18.27 -15.24
C VAL A 736 13.16 -17.12 -14.48
N PRO A 737 11.94 -16.70 -14.89
CA PRO A 737 11.19 -15.70 -14.15
C PRO A 737 10.88 -16.14 -12.72
N THR A 738 10.85 -15.19 -11.80
CA THR A 738 10.40 -15.47 -10.44
C THR A 738 8.86 -15.36 -10.36
N HIS A 739 8.23 -14.66 -11.32
CA HIS A 739 6.83 -14.37 -11.28
C HIS A 739 6.35 -14.17 -12.74
N TYR A 740 5.04 -14.30 -12.95
CA TYR A 740 4.37 -13.98 -14.21
C TYR A 740 3.24 -13.05 -13.86
N TYR A 741 3.16 -11.94 -14.60
CA TYR A 741 2.09 -10.93 -14.38
C TYR A 741 1.05 -11.04 -15.47
N SER A 742 -0.16 -10.56 -15.19
CA SER A 742 -1.09 -10.15 -16.25
C SER A 742 -1.85 -8.91 -15.78
N ILE A 743 -2.18 -8.04 -16.73
CA ILE A 743 -2.90 -6.81 -16.53
C ILE A 743 -4.13 -6.92 -17.44
N ILE A 744 -5.31 -6.89 -16.83
CA ILE A 744 -6.58 -7.18 -17.54
C ILE A 744 -7.45 -5.91 -17.48
N THR A 745 -7.60 -5.23 -18.60
CA THR A 745 -8.22 -3.92 -18.66
C THR A 745 -9.52 -4.10 -19.49
N SER A 746 -10.57 -3.38 -19.11
CA SER A 746 -11.81 -3.29 -19.87
C SER A 746 -12.41 -1.90 -19.60
N CYS A 747 -13.61 -1.64 -20.12
CA CYS A 747 -14.29 -0.37 -19.95
C CYS A 747 -15.03 -0.34 -18.62
N LEU A 748 -14.86 0.74 -17.84
CA LEU A 748 -15.57 0.84 -16.56
C LEU A 748 -17.09 0.77 -16.80
N ASP A 749 -17.56 1.45 -17.84
CA ASP A 749 -18.94 1.20 -18.26
C ASP A 749 -18.95 -0.04 -19.20
N PHE A 750 -19.31 -1.19 -18.60
CA PHE A 750 -19.29 -2.52 -19.21
C PHE A 750 -20.36 -2.77 -20.27
N THR A 751 -21.17 -1.75 -20.55
CA THR A 751 -22.10 -1.83 -21.67
C THR A 751 -21.35 -1.52 -22.96
N GLN A 752 -20.12 -1.00 -22.84
CA GLN A 752 -19.25 -0.78 -24.00
C GLN A 752 -18.15 -1.86 -24.11
N PRO A 753 -17.88 -2.38 -25.31
CA PRO A 753 -16.83 -3.41 -25.47
C PRO A 753 -15.44 -2.87 -25.12
N ALA A 754 -14.55 -3.70 -24.60
CA ALA A 754 -13.20 -3.24 -24.20
C ALA A 754 -12.54 -2.45 -25.33
N ASP A 755 -12.62 -2.95 -26.55
CA ASP A 755 -11.97 -2.30 -27.71
C ASP A 755 -12.69 -1.04 -28.26
N LYS A 756 -13.81 -0.66 -27.68
CA LYS A 756 -14.52 0.54 -28.14
C LYS A 756 -15.05 1.31 -26.95
N CYS A 757 -14.15 1.69 -26.04
CA CYS A 757 -14.54 2.27 -24.73
C CYS A 757 -14.41 3.78 -24.80
N ASP A 758 -15.45 4.50 -24.43
CA ASP A 758 -15.43 5.97 -24.58
C ASP A 758 -14.88 6.75 -23.39
N GLY A 759 -14.86 6.13 -22.21
CA GLY A 759 -14.54 6.82 -20.96
C GLY A 759 -13.54 6.09 -20.06
N PRO A 760 -13.77 6.12 -18.73
CA PRO A 760 -12.82 5.52 -17.76
C PRO A 760 -12.65 4.01 -17.92
N LEU A 761 -11.46 3.51 -17.54
CA LEU A 761 -11.12 2.10 -17.69
C LEU A 761 -11.30 1.42 -16.37
N SER A 762 -11.32 0.10 -16.42
CA SER A 762 -11.38 -0.76 -15.26
C SER A 762 -10.23 -1.80 -15.35
N VAL A 763 -9.46 -2.01 -14.27
CA VAL A 763 -8.29 -2.91 -14.36
C VAL A 763 -8.29 -3.87 -13.20
N SER A 764 -7.87 -5.10 -13.45
CA SER A 764 -7.33 -5.94 -12.40
C SER A 764 -6.04 -6.66 -12.89
N SER A 765 -5.15 -6.96 -11.96
CA SER A 765 -3.84 -7.45 -12.30
C SER A 765 -3.41 -8.45 -11.26
N PHE A 766 -2.44 -9.26 -11.63
CA PHE A 766 -1.84 -10.18 -10.68
C PHE A 766 -0.33 -10.39 -10.96
N ILE A 767 0.40 -10.79 -9.91
CA ILE A 767 1.82 -11.13 -10.02
C ILE A 767 1.91 -12.52 -9.35
N LEU A 768 1.80 -13.57 -10.14
CA LEU A 768 1.83 -14.96 -9.62
C LEU A 768 3.26 -15.40 -9.43
N PRO A 769 3.63 -15.92 -8.24
CA PRO A 769 4.95 -16.52 -8.05
C PRO A 769 5.15 -17.76 -8.95
N HIS A 770 6.31 -17.85 -9.57
CA HIS A 770 6.62 -18.96 -10.45
C HIS A 770 7.29 -20.07 -9.63
N ARG A 771 6.51 -20.96 -9.08
CA ARG A 771 7.03 -21.89 -8.10
C ARG A 771 7.01 -23.36 -8.58
N PRO A 772 8.06 -24.14 -8.25
CA PRO A 772 8.11 -25.55 -8.71
C PRO A 772 7.09 -26.48 -8.02
N ASP A 773 6.40 -25.99 -6.99
CA ASP A 773 5.33 -26.77 -6.37
C ASP A 773 4.15 -25.85 -6.14
N ASN A 774 3.03 -26.44 -5.75
CA ASN A 774 1.90 -25.73 -5.25
C ASN A 774 1.66 -25.85 -3.75
N ASP A 775 2.73 -25.92 -2.96
CA ASP A 775 2.61 -26.05 -1.47
C ASP A 775 1.79 -24.94 -0.85
N GLU A 776 1.95 -23.74 -1.41
CA GLU A 776 1.09 -22.62 -1.06
C GLU A 776 -0.42 -22.91 -1.12
N SER A 777 -0.89 -23.68 -2.09
CA SER A 777 -2.32 -23.98 -2.13
C SER A 777 -2.65 -25.37 -1.51
N CYS A 778 -3.20 -25.39 -0.29
CA CYS A 778 -3.43 -26.63 0.46
C CYS A 778 -4.35 -27.63 -0.26
N ASN A 779 -5.29 -27.14 -1.05
CA ASN A 779 -6.18 -27.99 -1.83
C ASN A 779 -5.77 -28.19 -3.31
N SER A 780 -4.48 -28.04 -3.62
CA SER A 780 -4.01 -28.15 -5.01
C SER A 780 -4.00 -29.54 -5.65
N SER A 781 -4.06 -30.60 -4.87
CA SER A 781 -4.25 -31.92 -5.47
C SER A 781 -5.66 -32.06 -6.09
N GLU A 782 -6.60 -31.17 -5.73
CA GLU A 782 -7.93 -31.11 -6.39
C GLU A 782 -7.91 -30.35 -7.74
N ASP A 783 -9.08 -30.25 -8.37
CA ASP A 783 -9.22 -29.67 -9.69
C ASP A 783 -8.99 -28.16 -9.67
N GLU A 784 -8.21 -27.68 -10.64
CA GLU A 784 -7.82 -26.27 -10.74
C GLU A 784 -8.96 -25.30 -10.40
N SER A 785 -10.19 -25.69 -10.76
CA SER A 785 -11.40 -24.86 -10.48
C SER A 785 -11.70 -24.65 -9.00
N LYS A 786 -10.96 -25.34 -8.12
CA LYS A 786 -11.16 -25.25 -6.67
C LYS A 786 -10.07 -24.49 -5.94
N TRP A 787 -9.00 -24.09 -6.63
CA TRP A 787 -7.86 -23.44 -5.98
C TRP A 787 -7.11 -22.39 -6.80
N VAL A 788 -7.19 -22.44 -8.12
CA VAL A 788 -6.37 -21.54 -8.94
C VAL A 788 -6.81 -20.08 -8.77
N GLU A 789 -8.11 -19.82 -8.90
CA GLU A 789 -8.58 -18.48 -8.83
C GLU A 789 -8.34 -17.82 -7.44
N GLU A 790 -8.51 -18.58 -6.37
CA GLU A 790 -8.16 -18.18 -5.00
C GLU A 790 -6.67 -17.77 -4.88
N LEU A 791 -5.78 -18.56 -5.49
CA LEU A 791 -4.37 -18.22 -5.55
C LEU A 791 -4.13 -16.90 -6.30
N MET A 792 -4.81 -16.70 -7.44
CA MET A 792 -4.63 -15.46 -8.20
C MET A 792 -5.08 -14.30 -7.40
N LYS A 793 -6.19 -14.44 -6.70
CA LYS A 793 -6.74 -13.39 -5.87
C LYS A 793 -5.81 -12.98 -4.75
N MET A 794 -5.16 -13.97 -4.13
CA MET A 794 -4.15 -13.73 -3.11
CA MET A 794 -4.17 -13.67 -3.10
C MET A 794 -3.00 -12.85 -3.64
N HIS A 795 -2.66 -13.08 -4.90
CA HIS A 795 -1.55 -12.41 -5.58
C HIS A 795 -2.01 -11.30 -6.55
N THR A 796 -3.19 -10.72 -6.23
CA THR A 796 -3.66 -9.52 -6.87
C THR A 796 -2.59 -8.42 -6.73
N ALA A 797 -2.57 -7.49 -7.68
CA ALA A 797 -1.49 -6.48 -7.75
C ALA A 797 -1.97 -5.17 -8.37
N ARG A 798 -1.24 -4.07 -8.13
CA ARG A 798 -1.50 -2.79 -8.79
C ARG A 798 -0.63 -2.81 -10.03
N VAL A 799 -1.08 -2.13 -11.08
CA VAL A 799 -0.27 -2.00 -12.29
C VAL A 799 1.10 -1.39 -11.88
N ARG A 800 1.05 -0.41 -11.00
CA ARG A 800 2.24 0.20 -10.51
C ARG A 800 3.29 -0.81 -9.92
N ASP A 801 2.82 -1.87 -9.25
CA ASP A 801 3.71 -2.90 -8.71
C ASP A 801 4.39 -3.57 -9.89
N ILE A 802 3.63 -3.85 -10.95
CA ILE A 802 4.19 -4.45 -12.17
C ILE A 802 5.21 -3.52 -12.86
N GLU A 803 4.90 -2.22 -12.92
CA GLU A 803 5.85 -1.22 -13.47
C GLU A 803 7.21 -1.25 -12.74
N HIS A 804 7.17 -1.27 -11.40
CA HIS A 804 8.43 -1.32 -10.60
C HIS A 804 9.24 -2.54 -10.97
N LEU A 805 8.52 -3.67 -11.09
CA LEU A 805 9.08 -4.97 -11.30
C LEU A 805 9.57 -5.25 -12.71
N THR A 806 9.15 -4.43 -13.70
CA THR A 806 9.45 -4.74 -15.13
C THR A 806 10.21 -3.59 -15.77
N GLY A 807 10.19 -2.40 -15.14
CA GLY A 807 10.74 -1.18 -15.76
C GLY A 807 9.96 -0.74 -16.99
N LEU A 808 8.71 -1.17 -17.06
CA LEU A 808 7.79 -0.74 -18.15
C LEU A 808 6.81 0.36 -17.70
N ASP A 809 6.27 1.10 -18.64
CA ASP A 809 5.30 2.11 -18.28
C ASP A 809 4.12 1.89 -19.21
N PHE A 810 2.96 1.61 -18.62
CA PHE A 810 1.72 1.19 -19.34
C PHE A 810 0.73 2.35 -19.56
N TYR A 811 -0.36 2.11 -20.32
CA TYR A 811 -1.36 3.18 -20.67
C TYR A 811 -0.78 4.49 -21.19
N ARG A 812 0.22 4.39 -22.07
CA ARG A 812 0.88 5.59 -22.64
C ARG A 812 -0.05 6.36 -23.57
N LYS A 813 -1.01 5.70 -24.23
CA LYS A 813 -1.83 6.36 -25.27
C LYS A 813 -3.28 6.08 -24.99
N THR A 814 -3.89 6.93 -24.19
CA THR A 814 -5.32 6.81 -23.93
C THR A 814 -5.83 8.20 -24.14
N SER A 815 -7.15 8.35 -24.15
CA SER A 815 -7.71 9.69 -24.16
C SER A 815 -7.97 10.20 -22.73
N ARG A 816 -7.54 9.47 -21.69
CA ARG A 816 -7.82 9.89 -20.30
C ARG A 816 -6.76 10.86 -19.77
N SER A 817 -7.10 11.68 -18.77
CA SER A 817 -6.09 12.55 -18.20
C SER A 817 -4.99 11.69 -17.49
N TYR A 818 -3.78 12.21 -17.37
CA TYR A 818 -2.71 11.40 -16.83
C TYR A 818 -2.93 11.10 -15.35
N SER A 819 -3.49 12.06 -14.63
CA SER A 819 -3.84 11.89 -13.23
C SER A 819 -4.83 10.78 -13.04
N GLU A 820 -5.83 10.72 -13.91
CA GLU A 820 -6.77 9.63 -13.86
C GLU A 820 -6.07 8.28 -14.11
N ILE A 821 -5.11 8.26 -15.03
CA ILE A 821 -4.36 7.02 -15.33
C ILE A 821 -3.44 6.66 -14.13
N LEU A 822 -2.83 7.64 -13.48
CA LEU A 822 -2.05 7.33 -12.27
C LEU A 822 -2.94 6.69 -11.21
N THR A 823 -4.16 7.23 -11.01
CA THR A 823 -5.15 6.61 -10.09
C THR A 823 -5.46 5.15 -10.47
N LEU A 824 -5.70 4.88 -11.74
CA LEU A 824 -5.95 3.53 -12.23
C LEU A 824 -4.76 2.57 -11.97
N LYS A 825 -3.53 3.09 -12.12
CA LYS A 825 -2.30 2.29 -11.98
C LYS A 825 -2.03 1.93 -10.51
N THR A 826 -2.55 2.73 -9.58
CA THR A 826 -2.47 2.47 -8.13
C THR A 826 -3.65 1.65 -7.62
N TYR A 827 -4.70 1.47 -8.44
CA TYR A 827 -5.82 0.62 -8.05
C TYR A 827 -5.41 -0.84 -7.70
N LEU A 828 -6.04 -1.41 -6.66
CA LEU A 828 -5.83 -2.81 -6.32
C LEU A 828 -7.20 -3.45 -6.17
N HIS A 829 -7.45 -4.49 -6.93
CA HIS A 829 -8.67 -5.24 -6.82
C HIS A 829 -8.46 -6.24 -5.66
N THR A 830 -9.19 -6.07 -4.55
N THR A 830 -9.12 -5.94 -4.54
CA THR A 830 -8.87 -6.78 -3.31
CA THR A 830 -9.26 -6.93 -3.53
C THR A 830 -9.63 -8.11 -3.08
C THR A 830 -10.56 -7.63 -3.88
N TYR A 831 -10.77 -8.28 -3.75
N TYR A 831 -10.67 -8.84 -3.40
CA TYR A 831 -11.59 -9.50 -3.65
CA TYR A 831 -11.85 -9.62 -3.67
C TYR A 831 -12.12 -9.77 -2.22
C TYR A 831 -12.61 -9.71 -2.36
N GLU A 832 -12.44 -8.68 -1.53
CA GLU A 832 -13.11 -8.62 -0.24
C GLU A 832 -14.51 -8.11 -0.59
N SER A 833 -15.56 -8.65 0.01
CA SER A 833 -16.92 -8.09 -0.19
C SER A 833 -17.09 -6.66 0.42
N GLU A 834 -18.33 -6.12 0.42
CA GLU A 834 -18.63 -4.74 0.90
C GLU A 834 -18.25 -4.42 2.35
C1 NAG B . 10.18 2.88 -2.33
C2 NAG B . 10.81 1.99 -3.37
C3 NAG B . 12.31 1.88 -3.04
C4 NAG B . 12.98 3.22 -2.81
C5 NAG B . 12.16 4.16 -1.92
C6 NAG B . 12.73 5.57 -1.91
C7 NAG B . 9.57 0.20 -4.57
C8 NAG B . 9.02 -1.19 -4.60
N2 NAG B . 10.20 0.66 -3.46
O3 NAG B . 13.04 1.20 -4.07
O4 NAG B . 14.17 2.91 -2.09
O5 NAG B . 10.80 4.18 -2.39
O6 NAG B . 12.75 6.03 -3.29
O7 NAG B . 9.42 0.90 -5.53
C1 NAG B . 15.32 3.47 -2.69
C2 NAG B . 16.32 3.61 -1.56
C3 NAG B . 17.65 4.04 -2.16
C4 NAG B . 18.11 3.11 -3.30
C5 NAG B . 17.01 2.93 -4.36
C6 NAG B . 17.36 1.89 -5.42
C7 NAG B . 15.24 4.30 0.57
C8 NAG B . 14.87 5.44 1.50
N2 NAG B . 15.90 4.60 -0.56
O3 NAG B . 18.62 4.16 -1.09
O4 NAG B . 19.25 3.64 -3.99
O5 NAG B . 15.76 2.58 -3.72
O6 NAG B . 17.54 0.61 -4.78
O7 NAG B . 14.91 3.15 0.84
C1 BMA B . 20.49 3.13 -3.42
C2 BMA B . 21.48 2.86 -4.55
C3 BMA B . 22.89 2.51 -3.99
C4 BMA B . 23.37 3.50 -2.90
C5 BMA B . 22.29 3.82 -1.85
C6 BMA B . 22.61 4.99 -0.93
O2 BMA B . 21.43 4.03 -5.40
O3 BMA B . 23.89 2.48 -5.01
O4 BMA B . 24.48 2.91 -2.23
O5 BMA B . 21.03 4.09 -2.48
O6 BMA B . 21.72 4.74 0.18
C1 MAN B . 21.78 5.63 1.33
C2 MAN B . 21.01 4.97 2.52
C3 MAN B . 19.48 5.16 2.44
C4 MAN B . 19.16 6.66 2.21
C5 MAN B . 19.88 7.19 0.95
C6 MAN B . 19.58 8.65 0.60
O2 MAN B . 21.47 5.39 3.82
O3 MAN B . 18.75 4.66 3.59
O4 MAN B . 17.74 6.88 2.17
O5 MAN B . 21.32 6.98 1.04
O6 MAN B . 19.58 9.51 1.76
C1 MAN B . 18.61 3.21 3.64
C2 MAN B . 17.18 2.79 4.05
C3 MAN B . 16.89 3.26 5.49
C4 MAN B . 17.99 2.93 6.52
C5 MAN B . 19.41 2.67 5.95
C6 MAN B . 19.84 1.34 6.53
O2 MAN B . 17.12 1.34 4.01
O3 MAN B . 15.72 2.65 6.05
O4 MAN B . 17.97 3.94 7.53
O5 MAN B . 19.55 2.55 4.51
O6 MAN B . 21.24 1.22 6.29
C1 MAN B . 16.44 0.74 2.89
C2 MAN B . 16.15 -0.71 3.31
C3 MAN B . 17.37 -1.60 3.12
C4 MAN B . 17.98 -1.46 1.70
C5 MAN B . 18.33 0.02 1.40
C6 MAN B . 18.92 0.25 0.00
O2 MAN B . 15.08 -1.31 2.55
O3 MAN B . 16.91 -2.93 3.36
O4 MAN B . 19.10 -2.34 1.51
O5 MAN B . 17.17 0.88 1.63
O6 MAN B . 19.54 1.55 -0.07
C1 MAN B . 24.34 1.17 -5.48
C2 MAN B . 25.85 1.28 -5.78
C3 MAN B . 26.24 1.99 -7.11
C4 MAN B . 25.27 1.79 -8.28
C5 MAN B . 23.81 1.60 -7.79
C6 MAN B . 22.85 1.36 -8.96
O2 MAN B . 26.40 -0.04 -5.79
O3 MAN B . 27.51 1.53 -7.59
O4 MAN B . 25.36 2.98 -9.10
O5 MAN B . 23.66 0.68 -6.67
O6 MAN B . 22.48 2.67 -9.42
C1 MAN B . 27.49 -0.09 -4.84
C2 MAN B . 28.60 -0.97 -5.46
C3 MAN B . 28.20 -2.46 -5.34
C4 MAN B . 27.56 -2.85 -3.97
C5 MAN B . 26.43 -1.86 -3.58
C6 MAN B . 25.71 -2.13 -2.25
O2 MAN B . 29.90 -0.64 -4.90
O3 MAN B . 29.27 -3.35 -5.67
O4 MAN B . 27.07 -4.20 -4.04
O5 MAN B . 27.01 -0.54 -3.55
O6 MAN B . 26.58 -1.91 -1.13
CL CL C . 5.34 -6.78 14.95
C10 Y3K D . 4.37 8.25 17.02
C11 Y3K D . 4.86 8.24 15.71
C13 Y3K D . 3.17 9.73 15.05
C16 Y3K D . 3.04 10.39 12.71
C17 Y3K D . 2.09 11.20 11.83
C18 Y3K D . 2.75 11.39 10.42
C19 Y3K D . 1.71 12.26 9.54
C21 Y3K D . -0.18 11.24 10.68
C22 Y3K D . 0.75 10.49 11.69
C23 Y3K D . 6.10 7.52 15.31
C24 Y3K D . 6.15 6.96 13.90
C25 Y3K D . 7.08 8.11 14.27
C27 Y3K D . 2.47 5.03 22.90
C1 Y3K D . 2.12 6.74 18.83
C2 Y3K D . 3.29 5.72 19.16
C3 Y3K D . 3.29 5.17 20.61
C4 Y3K D . 2.86 6.07 21.82
C5 Y3K D . 1.66 7.04 21.69
C6 Y3K D . 2.05 8.31 20.94
N7 Y3K D . 2.37 8.06 19.45
C8 Y3K D . 2.82 9.16 18.76
C9 Y3K D . 3.26 9.06 17.32
N12 Y3K D . 4.28 8.99 14.74
C14 Y3K D . 2.60 9.81 16.34
O15 Y3K D . 2.48 10.39 14.04
O20 Y3K D . 0.50 11.46 9.44
O26 Y3K D . 2.86 10.29 19.32
N28 Y3K D . 1.91 3.92 22.10
C29 Y3K D . 2.34 3.98 20.66
C30 Y3K D . 0.88 3.01 22.56
C31 Y3K D . 0.29 1.92 21.65
C32 Y3K D . -0.59 2.33 20.62
C33 Y3K D . -1.29 1.38 19.78
C34 Y3K D . -1.04 0.00 20.01
C35 Y3K D . -0.10 -0.43 21.05
C36 Y3K D . 0.57 0.54 21.90
N37 Y3K D . -0.07 -1.88 21.02
C38 Y3K D . -0.97 -2.31 20.03
N39 Y3K D . -1.57 -1.17 19.40
O40 Y3K D . -1.22 -3.50 19.79
C41 Y3K D . 0.35 -2.78 22.20
O42 Y3K D . 0.46 3.16 23.74
C ACT E . -6.92 -13.30 5.84
O ACT E . -7.35 -13.15 4.67
OXT ACT E . -7.67 -13.69 6.76
CH3 ACT E . -5.48 -12.98 6.14
CA CA F . -2.27 1.62 15.90
K K G . 11.84 -30.35 -19.08
ZN ZN H . -3.35 -1.66 18.80
NA NA I . -0.63 -28.08 -2.40
CA CA J . 15.04 -6.95 -8.09
#